data_8EBL
#
_entry.id   8EBL
#
_cell.length_a   49.480
_cell.length_b   84.482
_cell.length_c   90.729
_cell.angle_alpha   90.000
_cell.angle_beta   90.000
_cell.angle_gamma   90.000
#
_symmetry.space_group_name_H-M   'P 1 21 1'
#
loop_
_entity.id
_entity.type
_entity.pdbx_description
1 polymer 'Kelch domain-containing protein 2'
2 polymer GLU-ASP-SER-HIS-LYS-GLU-SER-ASN-ASP-CYS-SER-CYS-GLY-GLY
3 water water
#
loop_
_entity_poly.entity_id
_entity_poly.type
_entity_poly.pdbx_seq_one_letter_code
_entity_poly.pdbx_strand_id
1 'polypeptide(L)'
;GSGPAFESYESMELACPAERSGHVAVSDGRHMFVWGGYKSNQVRGLYDFYLPREELWIYNMETGRWKKINTEGDVPPSMS
GSCAVCVDRVLYLFGGHHSRGNTNKFYMLDSRSTDRVLQWERIDCQGIPPSSKDKLGVWVYKNKLIFFGGYGYLPEDKVL
GTFEFDETSFWNSSHPRGWNDHVHILDTETFTWSQPITTGKAPSPRAAHACATVGNRGFVFGGRYRDARMNDLHYLNLDT
WEWNELIPQGICPVGRSWHSLTPVSSDHLFLFGGFTTDKQPLSDAWTYCISKNEWIQFNHPYTEKPRLWHTACASDEGEV
IVFGGCANNLLVHHRAAHSNEILIFSVQP
;
A,B
2 'polypeptide(L)' EDSHKESNDCSCGG D,C
#
# COMPACT_ATOMS: atom_id res chain seq x y z
N GLU A 13 4.46 13.96 10.45
CA GLU A 13 4.61 12.89 11.42
C GLU A 13 3.76 13.18 12.64
N LEU A 14 2.70 13.95 12.44
CA LEU A 14 1.83 14.28 13.56
C LEU A 14 1.06 13.06 14.05
N ALA A 15 0.43 12.31 13.14
CA ALA A 15 -0.58 11.34 13.56
C ALA A 15 0.02 10.18 14.37
N CYS A 16 -0.69 9.81 15.43
CA CYS A 16 -0.28 8.65 16.20
C CYS A 16 -1.48 8.09 16.93
N PRO A 17 -1.64 6.77 16.98
CA PRO A 17 -2.81 6.19 17.66
C PRO A 17 -2.74 6.41 19.16
N ALA A 18 -3.90 6.50 19.80
CA ALA A 18 -3.99 6.53 21.25
C ALA A 18 -3.38 5.27 21.85
N GLU A 19 -2.89 5.36 23.09
CA GLU A 19 -2.40 4.21 23.81
C GLU A 19 -3.49 3.19 24.06
N ARG A 20 -3.08 1.92 24.15
CA ARG A 20 -4.08 0.85 24.28
C ARG A 20 -3.38 -0.45 24.68
N SER A 21 -4.15 -1.36 25.30
CA SER A 21 -3.77 -2.75 25.45
C SER A 21 -4.87 -3.62 24.85
N GLY A 22 -4.52 -4.88 24.55
CA GLY A 22 -5.56 -5.81 24.08
C GLY A 22 -6.05 -5.54 22.68
N HIS A 23 -5.36 -4.71 21.93
CA HIS A 23 -5.63 -4.47 20.50
C HIS A 23 -5.11 -5.64 19.68
N VAL A 24 -5.40 -5.61 18.39
CA VAL A 24 -4.74 -6.53 17.47
C VAL A 24 -3.80 -5.73 16.57
N ALA A 25 -2.79 -6.41 16.07
CA ALA A 25 -1.89 -5.85 15.07
C ALA A 25 -1.49 -6.99 14.17
N VAL A 26 -1.65 -6.75 12.87
CA VAL A 26 -1.32 -7.74 11.85
C VAL A 26 -0.54 -7.04 10.75
N SER A 27 0.22 -7.83 10.01
CA SER A 27 1.15 -7.23 9.06
C SER A 27 1.16 -7.99 7.75
N ASP A 28 1.35 -7.23 6.66
CA ASP A 28 1.60 -7.79 5.34
C ASP A 28 3.09 -7.73 5.00
N GLY A 29 3.93 -7.41 5.98
CA GLY A 29 5.38 -7.27 5.84
C GLY A 29 5.85 -5.85 5.60
N ARG A 30 4.97 -4.99 5.09
CA ARG A 30 5.23 -3.57 4.83
C ARG A 30 4.35 -2.66 5.67
N HIS A 31 3.13 -3.08 5.98
CA HIS A 31 2.23 -2.30 6.80
C HIS A 31 1.85 -3.12 8.01
N MET A 32 1.65 -2.42 9.12
CA MET A 32 1.10 -3.04 10.31
C MET A 32 -0.24 -2.39 10.57
N PHE A 33 -1.31 -3.19 10.57
CA PHE A 33 -2.67 -2.71 10.76
C PHE A 33 -3.05 -2.95 12.20
N VAL A 34 -3.51 -1.89 12.87
CA VAL A 34 -3.83 -1.91 14.29
C VAL A 34 -5.31 -1.59 14.49
N TRP A 35 -6.00 -2.40 15.29
CA TRP A 35 -7.41 -2.20 15.55
C TRP A 35 -7.71 -2.51 17.01
N GLY A 36 -8.66 -1.77 17.54
CA GLY A 36 -9.31 -2.17 18.78
C GLY A 36 -8.46 -1.95 20.03
N GLY A 37 -8.75 -2.76 21.08
CA GLY A 37 -8.13 -2.61 22.39
C GLY A 37 -8.90 -1.69 23.29
N TYR A 38 -8.32 -1.45 24.47
CA TYR A 38 -8.94 -0.55 25.47
C TYR A 38 -7.87 0.29 26.13
N LYS A 39 -8.33 1.38 26.78
CA LYS A 39 -7.46 2.24 27.56
C LYS A 39 -8.27 2.79 28.71
N SER A 40 -7.73 3.78 29.42
CA SER A 40 -8.43 4.44 30.51
C SER A 40 -8.86 5.85 30.09
N ASN A 41 -9.92 6.33 30.68
CA ASN A 41 -10.33 7.72 30.59
C ASN A 41 -10.32 8.21 32.02
N GLN A 42 -9.23 8.84 32.46
CA GLN A 42 -9.07 9.14 33.88
C GLN A 42 -10.03 10.21 34.35
N VAL A 43 -10.37 11.15 33.47
CA VAL A 43 -11.32 12.20 33.85
C VAL A 43 -12.67 11.60 34.22
N ARG A 44 -13.14 10.63 33.45
CA ARG A 44 -14.42 9.97 33.70
C ARG A 44 -14.31 8.76 34.62
N GLY A 45 -13.11 8.39 35.05
CA GLY A 45 -12.99 7.22 35.89
C GLY A 45 -13.36 5.91 35.21
N LEU A 46 -13.07 5.78 33.93
CA LEU A 46 -13.41 4.60 33.13
C LEU A 46 -12.13 3.86 32.77
N TYR A 47 -12.01 2.60 33.18
CA TYR A 47 -10.78 1.81 32.94
C TYR A 47 -10.98 0.71 31.90
N ASP A 48 -12.15 0.63 31.31
CA ASP A 48 -12.49 -0.25 30.19
C ASP A 48 -12.96 0.59 29.02
N PHE A 49 -12.18 1.60 28.68
CA PHE A 49 -12.56 2.54 27.63
C PHE A 49 -12.08 1.99 26.29
N TYR A 50 -12.99 1.31 25.56
CA TYR A 50 -12.58 0.66 24.32
C TYR A 50 -12.28 1.71 23.25
N LEU A 51 -11.29 1.44 22.44
CA LEU A 51 -10.93 2.33 21.36
C LEU A 51 -11.98 2.27 20.24
N PRO A 52 -12.09 3.32 19.43
CA PRO A 52 -13.20 3.41 18.45
C PRO A 52 -13.23 2.25 17.46
N ARG A 53 -14.42 1.67 17.28
CA ARG A 53 -14.52 0.48 16.44
C ARG A 53 -14.22 0.76 14.97
N GLU A 54 -14.52 1.97 14.47
CA GLU A 54 -14.41 2.22 13.04
C GLU A 54 -12.98 2.62 12.62
N GLU A 55 -12.10 2.87 13.57
CA GLU A 55 -10.73 3.27 13.22
C GLU A 55 -9.88 2.06 12.88
N LEU A 56 -9.03 2.19 11.88
CA LEU A 56 -7.98 1.24 11.58
C LEU A 56 -6.72 2.07 11.41
N TRP A 57 -5.70 1.74 12.18
CA TRP A 57 -4.44 2.51 12.10
C TRP A 57 -3.44 1.73 11.30
N ILE A 58 -2.75 2.38 10.37
CA ILE A 58 -1.78 1.71 9.54
C ILE A 58 -0.43 2.32 9.84
N TYR A 59 0.49 1.50 10.33
CA TYR A 59 1.87 1.91 10.59
C TYR A 59 2.70 1.48 9.38
N ASN A 60 3.33 2.43 8.70
CA ASN A 60 4.15 2.06 7.56
C ASN A 60 5.55 1.71 8.05
N MET A 61 5.97 0.48 7.78
CA MET A 61 7.19 -0.01 8.37
C MET A 61 8.42 0.67 7.76
N GLU A 62 8.34 1.13 6.52
CA GLU A 62 9.48 1.85 5.92
C GLU A 62 9.58 3.29 6.41
N THR A 63 8.48 4.03 6.44
CA THR A 63 8.58 5.43 6.81
C THR A 63 8.44 5.68 8.30
N GLY A 64 7.93 4.71 9.06
CA GLY A 64 7.69 4.96 10.49
C GLY A 64 6.53 5.85 10.81
N ARG A 65 5.66 6.13 9.83
CA ARG A 65 4.53 7.01 10.04
C ARG A 65 3.21 6.25 10.11
N TRP A 66 2.24 6.87 10.76
CA TRP A 66 0.93 6.30 10.94
C TRP A 66 -0.11 7.02 10.08
N LYS A 67 -1.11 6.27 9.63
CA LYS A 67 -2.27 6.84 8.98
C LYS A 67 -3.51 6.21 9.60
N LYS A 68 -4.49 7.04 9.96
CA LYS A 68 -5.76 6.58 10.48
C LYS A 68 -6.79 6.52 9.35
N ILE A 69 -7.48 5.39 9.23
CA ILE A 69 -8.53 5.16 8.25
C ILE A 69 -9.83 4.94 9.01
N ASN A 70 -10.94 5.42 8.47
CA ASN A 70 -12.26 5.07 9.01
C ASN A 70 -12.91 4.04 8.12
N THR A 71 -13.19 2.87 8.69
CA THR A 71 -13.76 1.80 7.89
C THR A 71 -15.27 1.84 7.95
N GLU A 72 -15.88 1.18 6.97
CA GLU A 72 -17.34 1.07 6.92
C GLU A 72 -17.75 -0.40 6.82
N GLY A 73 -19.03 -0.64 6.50
CA GLY A 73 -19.51 -2.02 6.41
C GLY A 73 -19.95 -2.58 7.75
N ASP A 74 -19.79 -3.88 7.97
CA ASP A 74 -20.25 -4.52 9.21
C ASP A 74 -19.13 -4.38 10.22
N VAL A 75 -18.96 -3.15 10.70
CA VAL A 75 -17.81 -2.88 11.58
C VAL A 75 -17.97 -3.70 12.86
N PRO A 76 -16.94 -4.41 13.32
CA PRO A 76 -17.06 -5.17 14.55
C PRO A 76 -17.30 -4.25 15.73
N PRO A 77 -17.87 -4.74 16.81
CA PRO A 77 -17.92 -3.95 18.04
C PRO A 77 -16.52 -3.68 18.53
N SER A 78 -16.34 -2.58 19.26
CA SER A 78 -15.05 -2.34 19.92
C SER A 78 -14.76 -3.49 20.89
N MET A 79 -13.54 -4.04 20.83
CA MET A 79 -13.19 -5.23 21.61
C MET A 79 -11.74 -5.22 22.02
N SER A 80 -11.48 -5.83 23.17
CA SER A 80 -10.15 -6.25 23.57
C SER A 80 -10.01 -7.75 23.41
N GLY A 81 -8.80 -8.20 23.23
CA GLY A 81 -8.53 -9.61 23.24
C GLY A 81 -8.94 -10.39 21.99
N SER A 82 -9.30 -9.71 20.90
CA SER A 82 -9.60 -10.43 19.66
C SER A 82 -8.36 -11.09 19.09
N CYS A 83 -8.57 -12.06 18.20
CA CYS A 83 -7.49 -12.81 17.56
C CYS A 83 -7.55 -12.52 16.08
N ALA A 84 -6.49 -11.92 15.53
CA ALA A 84 -6.48 -11.50 14.14
C ALA A 84 -5.23 -11.97 13.44
N VAL A 85 -5.34 -12.05 12.12
CA VAL A 85 -4.18 -12.38 11.29
C VAL A 85 -4.43 -11.79 9.91
N CYS A 86 -3.35 -11.52 9.20
CA CYS A 86 -3.43 -11.06 7.82
C CYS A 86 -2.84 -12.15 6.94
N VAL A 87 -3.66 -12.69 6.05
CA VAL A 87 -3.23 -13.70 5.07
C VAL A 87 -3.58 -13.21 3.67
N ASP A 88 -2.57 -13.11 2.81
CA ASP A 88 -2.76 -12.62 1.43
C ASP A 88 -3.53 -11.30 1.38
N ARG A 89 -3.21 -10.40 2.31
CA ARG A 89 -3.74 -9.04 2.31
C ARG A 89 -5.20 -8.98 2.75
N VAL A 90 -5.71 -10.05 3.35
CA VAL A 90 -7.05 -10.07 3.95
C VAL A 90 -6.84 -10.12 5.44
N LEU A 91 -7.50 -9.21 6.18
CA LEU A 91 -7.48 -9.23 7.64
CA LEU A 91 -7.47 -9.22 7.63
C LEU A 91 -8.65 -10.07 8.11
N TYR A 92 -8.38 -11.03 8.99
CA TYR A 92 -9.41 -11.90 9.55
C TYR A 92 -9.38 -11.71 11.06
N LEU A 93 -10.55 -11.58 11.67
CA LEU A 93 -10.67 -11.24 13.08
C LEU A 93 -11.69 -12.15 13.73
N PHE A 94 -11.30 -12.85 14.81
CA PHE A 94 -12.16 -13.80 15.50
C PHE A 94 -12.18 -13.47 16.98
N GLY A 95 -13.35 -13.61 17.60
CA GLY A 95 -13.47 -13.55 19.05
C GLY A 95 -13.23 -12.14 19.62
N GLY A 96 -13.01 -12.08 20.93
CA GLY A 96 -12.80 -10.83 21.62
C GLY A 96 -13.78 -10.64 22.77
N HIS A 97 -13.66 -9.49 23.40
CA HIS A 97 -14.47 -9.07 24.51
C HIS A 97 -14.95 -7.66 24.23
N HIS A 98 -16.26 -7.50 24.03
CA HIS A 98 -16.90 -6.18 23.94
C HIS A 98 -17.57 -5.83 25.26
N SER A 99 -18.25 -4.68 25.28
CA SER A 99 -18.87 -4.23 26.53
C SER A 99 -19.94 -5.18 27.05
N ARG A 100 -20.46 -6.10 26.24
CA ARG A 100 -21.45 -7.07 26.68
C ARG A 100 -20.89 -8.50 26.69
N GLY A 101 -19.57 -8.63 26.73
CA GLY A 101 -18.95 -9.92 26.97
C GLY A 101 -18.22 -10.50 25.78
N ASN A 102 -17.93 -11.79 25.86
CA ASN A 102 -17.17 -12.48 24.84
C ASN A 102 -18.04 -12.81 23.62
N THR A 103 -17.36 -13.03 22.49
CA THR A 103 -18.01 -13.35 21.22
C THR A 103 -17.26 -14.47 20.52
N ASN A 104 -17.96 -15.13 19.59
CA ASN A 104 -17.32 -16.04 18.65
C ASN A 104 -17.57 -15.61 17.20
N LYS A 105 -17.92 -14.35 16.99
CA LYS A 105 -18.14 -13.86 15.63
C LYS A 105 -16.83 -13.70 14.88
N PHE A 106 -16.93 -13.70 13.57
CA PHE A 106 -15.81 -13.71 12.65
C PHE A 106 -16.04 -12.59 11.63
N TYR A 107 -14.99 -11.79 11.41
CA TYR A 107 -15.05 -10.67 10.51
C TYR A 107 -13.87 -10.72 9.53
N MET A 108 -14.05 -10.12 8.37
CA MET A 108 -13.00 -10.05 7.35
C MET A 108 -12.93 -8.63 6.83
N LEU A 109 -11.73 -8.16 6.53
CA LEU A 109 -11.55 -6.85 5.91
C LEU A 109 -10.56 -7.05 4.77
N ASP A 110 -11.04 -6.95 3.52
CA ASP A 110 -10.20 -7.20 2.36
C ASP A 110 -9.49 -5.93 1.93
N SER A 111 -8.17 -5.92 2.05
CA SER A 111 -7.39 -4.74 1.71
C SER A 111 -6.87 -4.76 0.30
N ARG A 112 -7.15 -5.82 -0.44
CA ARG A 112 -6.87 -5.85 -1.88
C ARG A 112 -7.97 -5.10 -2.62
N SER A 113 -8.15 -3.83 -2.26
CA SER A 113 -9.26 -3.06 -2.78
C SER A 113 -8.71 -1.73 -3.27
N THR A 114 -9.15 -1.33 -4.44
CA THR A 114 -8.90 0.00 -4.97
C THR A 114 -9.98 1.00 -4.60
N ASP A 115 -11.01 0.57 -3.88
CA ASP A 115 -11.97 1.50 -3.31
C ASP A 115 -11.30 2.35 -2.25
N ARG A 116 -11.77 3.59 -2.13
CA ARG A 116 -11.21 4.55 -1.18
C ARG A 116 -11.60 4.24 0.25
N VAL A 117 -12.66 3.47 0.48
CA VAL A 117 -13.14 3.15 1.83
C VAL A 117 -13.04 1.65 1.99
N LEU A 118 -12.33 1.22 3.02
CA LEU A 118 -12.24 -0.20 3.34
C LEU A 118 -13.49 -0.67 4.09
N GLN A 119 -13.95 -1.87 3.76
CA GLN A 119 -15.21 -2.39 4.27
C GLN A 119 -15.01 -3.66 5.08
N TRP A 120 -15.55 -3.66 6.30
CA TRP A 120 -15.66 -4.89 7.08
C TRP A 120 -16.85 -5.72 6.61
N GLU A 121 -16.69 -7.03 6.68
CA GLU A 121 -17.78 -7.97 6.39
C GLU A 121 -17.85 -8.94 7.56
N ARG A 122 -19.04 -9.05 8.18
CA ARG A 122 -19.23 -10.09 9.19
C ARG A 122 -19.61 -11.35 8.44
N ILE A 123 -18.92 -12.44 8.71
CA ILE A 123 -19.11 -13.69 7.98
C ILE A 123 -19.94 -14.62 8.81
N ASP A 124 -21.00 -15.16 8.21
CA ASP A 124 -21.73 -16.28 8.77
C ASP A 124 -20.99 -17.55 8.37
N CYS A 125 -20.29 -18.13 9.32
CA CYS A 125 -19.47 -19.30 9.09
C CYS A 125 -20.33 -20.56 9.17
N GLN A 126 -19.92 -21.57 8.41
CA GLN A 126 -20.58 -22.86 8.49
C GLN A 126 -19.92 -23.77 9.51
N GLY A 127 -20.58 -24.83 9.86
CA GLY A 127 -20.06 -25.73 10.86
C GLY A 127 -20.25 -25.20 12.27
N ILE A 128 -19.69 -25.91 13.23
CA ILE A 128 -19.87 -25.56 14.64
C ILE A 128 -18.74 -24.60 15.03
N PRO A 129 -19.03 -23.37 15.44
CA PRO A 129 -17.96 -22.42 15.77
C PRO A 129 -17.33 -22.74 17.12
N PRO A 130 -16.14 -22.21 17.40
CA PRO A 130 -15.59 -22.26 18.78
C PRO A 130 -16.54 -21.60 19.75
N SER A 131 -16.30 -21.85 21.04
CA SER A 131 -17.03 -21.10 22.05
C SER A 131 -16.60 -19.61 22.02
N SER A 132 -17.45 -18.75 22.56
CA SER A 132 -17.13 -17.32 22.64
C SER A 132 -16.00 -17.11 23.62
N LYS A 133 -14.99 -16.38 23.20
CA LYS A 133 -13.74 -16.32 23.98
C LYS A 133 -12.83 -15.23 23.44
N ASP A 134 -11.81 -14.92 24.25
CA ASP A 134 -10.79 -13.95 23.86
C ASP A 134 -9.42 -14.48 24.31
N LYS A 135 -8.38 -13.69 24.05
CA LYS A 135 -7.02 -13.98 24.56
C LYS A 135 -6.58 -15.39 24.18
N LEU A 136 -6.56 -15.62 22.87
CA LEU A 136 -6.18 -16.91 22.31
C LEU A 136 -5.05 -16.75 21.30
N GLY A 137 -4.87 -17.70 20.41
CA GLY A 137 -3.85 -17.60 19.41
C GLY A 137 -4.28 -18.31 18.14
N VAL A 138 -3.53 -18.07 17.06
CA VAL A 138 -3.89 -18.57 15.74
C VAL A 138 -2.61 -18.95 14.99
N TRP A 139 -2.68 -20.04 14.24
CA TRP A 139 -1.65 -20.45 13.30
C TRP A 139 -2.22 -20.39 11.88
N VAL A 140 -1.37 -20.18 10.90
CA VAL A 140 -1.79 -20.03 9.51
C VAL A 140 -1.07 -21.11 8.70
N TYR A 141 -1.82 -21.93 7.96
CA TYR A 141 -1.21 -23.02 7.22
C TYR A 141 -2.14 -23.41 6.10
N LYS A 142 -1.66 -23.33 4.85
CA LYS A 142 -2.36 -23.90 3.70
C LYS A 142 -3.83 -23.48 3.61
N ASN A 143 -4.07 -22.18 3.53
CA ASN A 143 -5.41 -21.62 3.31
C ASN A 143 -6.36 -21.83 4.50
N LYS A 144 -5.86 -22.32 5.62
CA LYS A 144 -6.72 -22.38 6.80
C LYS A 144 -6.13 -21.62 7.98
N LEU A 145 -7.04 -21.26 8.88
CA LEU A 145 -6.70 -20.62 10.13
C LEU A 145 -6.97 -21.62 11.23
N ILE A 146 -6.01 -21.80 12.11
CA ILE A 146 -6.12 -22.81 13.17
C ILE A 146 -6.00 -22.10 14.49
N PHE A 147 -7.11 -22.05 15.25
CA PHE A 147 -7.17 -21.29 16.49
C PHE A 147 -6.99 -22.24 17.66
N PHE A 148 -6.33 -21.73 18.74
CA PHE A 148 -6.08 -22.55 19.93
C PHE A 148 -6.35 -21.77 21.22
N GLY A 149 -7.07 -22.42 22.17
CA GLY A 149 -7.16 -21.91 23.54
C GLY A 149 -8.09 -20.72 23.70
N GLY A 150 -7.86 -19.97 24.79
CA GLY A 150 -8.63 -18.78 25.09
C GLY A 150 -9.41 -18.87 26.39
N TYR A 151 -10.13 -17.79 26.66
CA TYR A 151 -10.85 -17.56 27.92
C TYR A 151 -12.25 -17.11 27.53
N GLY A 152 -13.27 -17.74 28.11
CA GLY A 152 -14.62 -17.36 27.78
C GLY A 152 -15.64 -18.27 28.45
N TYR A 153 -16.86 -18.30 27.92
CA TYR A 153 -17.96 -19.03 28.55
C TYR A 153 -17.82 -20.54 28.38
N LEU A 154 -18.54 -21.26 29.25
CA LEU A 154 -18.64 -22.71 29.11
C LEU A 154 -19.13 -23.07 27.71
N PRO A 155 -18.45 -23.96 27.00
CA PRO A 155 -18.89 -24.27 25.64
C PRO A 155 -20.31 -24.85 25.64
N GLU A 156 -21.11 -24.39 24.66
CA GLU A 156 -22.51 -24.77 24.52
C GLU A 156 -22.75 -25.82 23.44
N ASP A 157 -21.80 -26.02 22.55
CA ASP A 157 -21.91 -27.00 21.48
C ASP A 157 -20.92 -28.13 21.73
N LYS A 158 -21.18 -29.27 21.05
CA LYS A 158 -20.29 -30.41 21.12
C LYS A 158 -18.91 -30.01 20.63
N VAL A 159 -17.89 -30.23 21.44
CA VAL A 159 -16.55 -29.73 21.11
C VAL A 159 -15.55 -30.75 21.60
N LEU A 160 -14.48 -30.94 20.84
CA LEU A 160 -13.39 -31.80 21.27
C LEU A 160 -12.39 -30.97 22.04
N GLY A 161 -11.98 -31.47 23.21
CA GLY A 161 -11.04 -30.85 24.11
C GLY A 161 -11.64 -30.63 25.48
N THR A 162 -10.99 -29.81 26.26
CA THR A 162 -11.38 -29.60 27.65
C THR A 162 -11.48 -28.12 27.99
N PHE A 163 -12.20 -27.88 29.05
CA PHE A 163 -12.50 -26.54 29.57
C PHE A 163 -12.43 -26.61 31.06
N GLU A 164 -11.78 -25.61 31.66
CA GLU A 164 -11.68 -25.51 33.11
C GLU A 164 -12.09 -24.13 33.57
N PHE A 165 -12.98 -24.06 34.56
CA PHE A 165 -13.43 -22.75 35.02
C PHE A 165 -12.33 -21.99 35.77
N ASP A 166 -12.38 -20.67 35.63
CA ASP A 166 -11.68 -19.74 36.53
C ASP A 166 -12.57 -19.65 37.77
N GLU A 167 -12.11 -20.24 38.89
CA GLU A 167 -12.90 -20.27 40.11
C GLU A 167 -13.38 -18.89 40.54
N THR A 168 -12.55 -17.87 40.39
CA THR A 168 -12.96 -16.56 40.90
C THR A 168 -14.08 -15.94 40.10
N SER A 169 -14.31 -16.43 38.86
CA SER A 169 -15.35 -15.85 38.05
C SER A 169 -16.74 -16.19 38.56
N PHE A 170 -16.85 -17.17 39.47
CA PHE A 170 -18.17 -17.49 40.04
C PHE A 170 -18.65 -16.38 40.95
N TRP A 171 -17.75 -15.52 41.44
CA TRP A 171 -18.16 -14.38 42.25
C TRP A 171 -17.70 -13.02 41.74
N ASN A 172 -16.64 -12.94 40.93
CA ASN A 172 -16.04 -11.67 40.51
C ASN A 172 -16.60 -11.17 39.19
N SER A 173 -17.39 -11.97 38.48
CA SER A 173 -17.93 -11.55 37.19
C SER A 173 -19.40 -11.97 37.15
N SER A 174 -20.14 -11.43 36.17
CA SER A 174 -21.57 -11.72 36.13
C SER A 174 -21.89 -13.11 35.59
N HIS A 175 -20.95 -13.76 34.90
CA HIS A 175 -21.16 -15.04 34.34
C HIS A 175 -19.86 -15.81 34.44
N PRO A 176 -19.87 -17.07 34.86
CA PRO A 176 -18.61 -17.80 35.01
C PRO A 176 -17.92 -18.00 33.67
N ARG A 177 -16.59 -18.00 33.71
CA ARG A 177 -15.77 -18.13 32.51
C ARG A 177 -14.57 -19.04 32.82
N GLY A 178 -13.84 -19.47 31.78
CA GLY A 178 -12.74 -20.37 32.01
C GLY A 178 -11.89 -20.53 30.78
N TRP A 179 -10.90 -21.41 30.91
CA TRP A 179 -9.89 -21.61 29.87
C TRP A 179 -10.19 -22.88 29.10
N ASN A 180 -9.81 -22.91 27.82
CA ASN A 180 -9.97 -24.09 27.00
C ASN A 180 -8.65 -24.46 26.33
N ASP A 181 -8.54 -25.72 25.89
CA ASP A 181 -7.42 -26.19 25.08
C ASP A 181 -7.85 -26.52 23.64
N HIS A 182 -8.92 -25.90 23.16
CA HIS A 182 -9.53 -26.35 21.93
C HIS A 182 -8.73 -25.93 20.70
N VAL A 183 -8.78 -26.79 19.67
CA VAL A 183 -8.18 -26.52 18.36
C VAL A 183 -9.32 -26.50 17.37
N HIS A 184 -9.50 -25.37 16.68
CA HIS A 184 -10.52 -25.25 15.64
C HIS A 184 -9.89 -24.78 14.35
N ILE A 185 -10.34 -25.35 13.24
CA ILE A 185 -9.87 -24.99 11.89
C ILE A 185 -10.99 -24.22 11.21
N LEU A 186 -10.65 -23.08 10.59
CA LEU A 186 -11.54 -22.36 9.68
C LEU A 186 -10.98 -22.37 8.27
N ASP A 187 -11.73 -22.92 7.33
CA ASP A 187 -11.29 -22.93 5.94
C ASP A 187 -11.80 -21.63 5.31
N THR A 188 -10.89 -20.79 4.80
CA THR A 188 -11.31 -19.45 4.40
C THR A 188 -11.95 -19.40 3.01
N GLU A 189 -11.99 -20.51 2.28
CA GLU A 189 -12.70 -20.54 1.00
C GLU A 189 -14.21 -20.64 1.19
N THR A 190 -14.64 -21.49 2.12
CA THR A 190 -16.06 -21.73 2.35
C THR A 190 -16.53 -21.16 3.68
N PHE A 191 -15.58 -20.63 4.48
CA PHE A 191 -15.82 -20.22 5.85
C PHE A 191 -16.52 -21.32 6.63
N THR A 192 -15.90 -22.51 6.65
CA THR A 192 -16.41 -23.66 7.40
C THR A 192 -15.49 -24.00 8.58
N TRP A 193 -16.06 -24.09 9.77
CA TRP A 193 -15.36 -24.52 10.98
C TRP A 193 -15.33 -26.04 11.06
N SER A 194 -14.22 -26.60 11.58
CA SER A 194 -14.10 -28.01 11.90
C SER A 194 -13.08 -28.13 13.04
N GLN A 195 -12.90 -29.35 13.53
CA GLN A 195 -11.87 -29.61 14.52
C GLN A 195 -11.10 -30.84 14.09
N PRO A 196 -9.78 -30.83 14.17
CA PRO A 196 -9.00 -32.02 13.84
C PRO A 196 -9.01 -32.97 15.02
N ILE A 197 -8.74 -34.24 14.75
CA ILE A 197 -8.50 -35.22 15.79
C ILE A 197 -7.00 -35.26 16.03
N THR A 198 -6.56 -34.80 17.19
CA THR A 198 -5.14 -34.68 17.46
C THR A 198 -4.65 -35.89 18.24
N THR A 199 -3.34 -36.06 18.27
CA THR A 199 -2.70 -37.11 19.05
C THR A 199 -1.58 -36.45 19.84
N GLY A 200 -0.97 -37.19 20.78
CA GLY A 200 -0.04 -36.60 21.71
C GLY A 200 -0.79 -35.85 22.79
N LYS A 201 -0.07 -35.32 23.76
CA LYS A 201 -0.67 -34.64 24.90
C LYS A 201 -0.80 -33.15 24.58
N ALA A 202 -2.03 -32.65 24.44
CA ALA A 202 -2.23 -31.22 24.24
C ALA A 202 -1.73 -30.44 25.45
N PRO A 203 -1.33 -29.16 25.27
CA PRO A 203 -1.07 -28.33 26.44
C PRO A 203 -2.33 -28.18 27.26
N SER A 204 -2.16 -27.81 28.53
CA SER A 204 -3.32 -27.53 29.35
C SER A 204 -4.14 -26.40 28.71
N PRO A 205 -5.44 -26.32 29.06
CA PRO A 205 -6.19 -25.09 28.76
C PRO A 205 -5.41 -23.86 29.20
N ARG A 206 -5.60 -22.78 28.45
CA ARG A 206 -4.87 -21.54 28.78
C ARG A 206 -5.41 -20.40 27.97
N ALA A 207 -5.12 -19.18 28.43
CA ALA A 207 -5.41 -17.96 27.69
C ALA A 207 -4.20 -17.05 27.87
N ALA A 208 -4.11 -16.03 27.03
CA ALA A 208 -3.00 -15.06 27.09
C ALA A 208 -1.65 -15.74 26.80
N HIS A 209 -1.66 -16.92 26.20
CA HIS A 209 -0.50 -17.58 25.61
C HIS A 209 -0.12 -16.88 24.30
N ALA A 210 0.97 -17.29 23.69
CA ALA A 210 1.35 -16.72 22.39
C ALA A 210 1.63 -17.85 21.42
N CYS A 211 1.12 -17.70 20.20
CA CYS A 211 1.27 -18.69 19.13
C CYS A 211 2.13 -18.14 18.00
N ALA A 212 2.90 -19.01 17.35
CA ALA A 212 3.69 -18.62 16.20
C ALA A 212 3.82 -19.83 15.29
N THR A 213 3.77 -19.61 13.98
CA THR A 213 3.89 -20.68 13.00
C THR A 213 5.23 -20.57 12.27
N VAL A 214 5.95 -21.68 12.21
CA VAL A 214 7.12 -21.82 11.31
C VAL A 214 6.93 -23.11 10.54
N GLY A 215 6.79 -23.02 9.22
CA GLY A 215 6.59 -24.22 8.43
C GLY A 215 5.29 -24.88 8.83
N ASN A 216 5.35 -26.20 9.06
CA ASN A 216 4.19 -26.94 9.53
C ASN A 216 4.13 -27.08 11.06
N ARG A 217 4.80 -26.21 11.79
CA ARG A 217 4.80 -26.30 13.24
C ARG A 217 4.03 -25.10 13.80
N GLY A 218 2.96 -25.37 14.53
CA GLY A 218 2.28 -24.32 15.28
C GLY A 218 2.76 -24.28 16.72
N PHE A 219 3.70 -23.38 17.03
CA PHE A 219 4.25 -23.28 18.39
C PHE A 219 3.31 -22.49 19.30
N VAL A 220 3.31 -22.88 20.58
CA VAL A 220 2.62 -22.12 21.61
C VAL A 220 3.48 -22.08 22.87
N PHE A 221 3.62 -20.90 23.46
CA PHE A 221 4.45 -20.71 24.65
C PHE A 221 3.65 -20.02 25.75
N GLY A 222 3.72 -20.59 26.96
CA GLY A 222 3.26 -19.83 28.12
C GLY A 222 1.76 -19.68 28.22
N GLY A 223 1.33 -18.66 28.95
CA GLY A 223 -0.07 -18.39 29.17
C GLY A 223 -0.50 -18.58 30.61
N ARG A 224 -1.72 -18.16 30.87
CA ARG A 224 -2.35 -18.29 32.18
C ARG A 224 -3.25 -19.52 32.25
N TYR A 225 -3.12 -20.28 33.32
CA TYR A 225 -4.03 -21.39 33.62
C TYR A 225 -4.13 -21.49 35.13
N ARG A 226 -5.34 -21.40 35.67
CA ARG A 226 -5.56 -21.53 37.12
CA ARG A 226 -5.56 -21.54 37.12
C ARG A 226 -4.67 -20.53 37.84
N ASP A 227 -3.82 -20.94 38.78
CA ASP A 227 -3.03 -19.97 39.54
C ASP A 227 -1.61 -19.80 39.03
N ALA A 228 -1.36 -20.12 37.77
CA ALA A 228 -0.01 -20.03 37.24
C ALA A 228 0.00 -19.28 35.93
N ARG A 229 1.09 -18.56 35.70
CA ARG A 229 1.49 -18.11 34.37
C ARG A 229 2.73 -18.91 33.99
N MET A 230 2.67 -19.58 32.84
CA MET A 230 3.46 -20.78 32.60
C MET A 230 4.63 -20.47 31.67
N ASN A 231 5.59 -21.40 31.64
CA ASN A 231 6.74 -21.27 30.75
C ASN A 231 6.96 -22.51 29.91
N ASP A 232 5.92 -23.30 29.67
CA ASP A 232 6.04 -24.47 28.81
C ASP A 232 5.93 -24.10 27.34
N LEU A 233 6.51 -24.95 26.50
CA LEU A 233 6.58 -24.71 25.07
C LEU A 233 6.12 -25.98 24.36
N HIS A 234 5.17 -25.86 23.45
CA HIS A 234 4.66 -26.99 22.70
C HIS A 234 4.59 -26.59 21.23
N TYR A 235 4.42 -27.58 20.37
CA TYR A 235 4.03 -27.33 19.00
C TYR A 235 3.05 -28.40 18.55
N LEU A 236 2.08 -27.97 17.75
CA LEU A 236 1.17 -28.87 17.05
C LEU A 236 1.65 -29.03 15.62
N ASN A 237 1.93 -30.26 15.21
CA ASN A 237 2.22 -30.54 13.81
C ASN A 237 0.96 -30.32 12.97
N LEU A 238 1.00 -29.35 12.06
CA LEU A 238 -0.17 -28.94 11.28
C LEU A 238 -0.46 -29.84 10.09
N ASP A 239 0.42 -30.80 9.77
CA ASP A 239 0.07 -31.85 8.81
C ASP A 239 -0.51 -33.08 9.48
N THR A 240 0.10 -33.54 10.58
CA THR A 240 -0.27 -34.80 11.21
C THR A 240 -1.18 -34.64 12.41
N TRP A 241 -1.30 -33.43 12.97
CA TRP A 241 -2.13 -33.15 14.13
C TRP A 241 -1.60 -33.85 15.39
N GLU A 242 -0.30 -34.08 15.44
CA GLU A 242 0.36 -34.57 16.63
C GLU A 242 0.87 -33.38 17.44
N TRP A 243 0.52 -33.34 18.71
CA TRP A 243 1.09 -32.41 19.66
C TRP A 243 2.46 -32.91 20.17
N ASN A 244 3.40 -31.99 20.36
CA ASN A 244 4.71 -32.27 20.95
C ASN A 244 5.07 -31.23 22.00
N GLU A 245 5.59 -31.70 23.13
CA GLU A 245 6.10 -30.76 24.13
C GLU A 245 7.61 -30.68 23.94
N LEU A 246 8.14 -29.45 23.93
CA LEU A 246 9.56 -29.20 23.76
C LEU A 246 10.17 -28.90 25.11
N ILE A 247 11.19 -29.66 25.50
CA ILE A 247 11.90 -29.43 26.76
C ILE A 247 13.25 -28.81 26.41
N PRO A 248 13.43 -27.51 26.61
CA PRO A 248 14.66 -26.87 26.16
C PRO A 248 15.89 -27.38 26.92
N GLN A 249 17.03 -27.28 26.25
CA GLN A 249 18.25 -27.85 26.80
C GLN A 249 18.68 -27.20 28.11
N GLY A 250 18.31 -25.94 28.35
CA GLY A 250 18.78 -25.26 29.55
C GLY A 250 17.79 -24.30 30.18
N ILE A 251 18.27 -23.12 30.56
CA ILE A 251 17.44 -22.13 31.24
C ILE A 251 16.35 -21.63 30.32
N CYS A 252 15.15 -21.49 30.86
CA CYS A 252 13.98 -21.03 30.13
C CYS A 252 13.61 -19.64 30.61
N PRO A 253 12.92 -18.85 29.78
CA PRO A 253 12.29 -17.63 30.30
C PRO A 253 11.33 -17.98 31.44
N VAL A 254 11.15 -17.06 32.38
CA VAL A 254 10.24 -17.32 33.50
C VAL A 254 8.81 -17.38 32.96
N GLY A 255 7.95 -18.08 33.72
CA GLY A 255 6.55 -18.23 33.32
C GLY A 255 5.86 -16.89 33.18
N ARG A 256 4.98 -16.80 32.19
CA ARG A 256 4.41 -15.51 31.86
C ARG A 256 3.17 -15.68 31.00
N SER A 257 2.34 -14.65 31.01
CA SER A 257 1.25 -14.52 30.04
C SER A 257 1.38 -13.12 29.42
N TRP A 258 0.62 -12.85 28.36
CA TRP A 258 0.53 -11.51 27.78
C TRP A 258 1.83 -11.08 27.09
N HIS A 259 2.70 -12.02 26.81
CA HIS A 259 3.94 -11.84 26.06
C HIS A 259 3.66 -12.01 24.59
N SER A 260 4.64 -11.62 23.77
CA SER A 260 4.55 -11.85 22.33
C SER A 260 5.57 -12.89 21.91
N LEU A 261 5.25 -13.64 20.84
CA LEU A 261 6.14 -14.69 20.31
C LEU A 261 6.05 -14.59 18.79
N THR A 262 7.17 -14.27 18.13
CA THR A 262 7.13 -13.87 16.74
C THR A 262 8.20 -14.64 15.97
N PRO A 263 7.87 -15.29 14.86
CA PRO A 263 8.91 -15.90 14.03
C PRO A 263 9.76 -14.81 13.41
N VAL A 264 11.07 -15.00 13.43
CA VAL A 264 11.99 -14.04 12.84
C VAL A 264 12.91 -14.68 11.81
N SER A 265 12.85 -15.98 11.65
CA SER A 265 13.63 -16.69 10.64
C SER A 265 12.96 -18.04 10.45
N SER A 266 13.53 -18.85 9.55
CA SER A 266 13.07 -20.23 9.46
C SER A 266 13.47 -21.07 10.66
N ASP A 267 14.29 -20.55 11.58
CA ASP A 267 14.78 -21.32 12.72
C ASP A 267 14.68 -20.62 14.08
N HIS A 268 13.99 -19.47 14.18
CA HIS A 268 14.02 -18.72 15.43
C HIS A 268 12.69 -18.07 15.73
N LEU A 269 12.35 -18.10 17.01
CA LEU A 269 11.20 -17.36 17.53
C LEU A 269 11.73 -16.29 18.47
N PHE A 270 11.06 -15.14 18.50
CA PHE A 270 11.46 -14.01 19.34
C PHE A 270 10.35 -13.74 20.34
N LEU A 271 10.72 -13.73 21.61
CA LEU A 271 9.82 -13.55 22.75
C LEU A 271 10.10 -12.21 23.40
N PHE A 272 9.06 -11.44 23.67
CA PHE A 272 9.24 -10.22 24.46
C PHE A 272 8.12 -10.02 25.47
N GLY A 273 8.51 -9.57 26.65
CA GLY A 273 7.57 -8.99 27.58
C GLY A 273 6.69 -10.02 28.28
N GLY A 274 5.61 -9.50 28.81
CA GLY A 274 4.68 -10.35 29.52
C GLY A 274 4.57 -10.01 31.01
N PHE A 275 3.99 -10.95 31.78
CA PHE A 275 3.50 -10.71 33.13
C PHE A 275 3.71 -12.01 33.88
N THR A 276 4.41 -11.98 35.01
CA THR A 276 4.73 -13.23 35.70
C THR A 276 3.58 -13.66 36.60
N THR A 277 3.78 -14.85 37.18
CA THR A 277 2.80 -15.37 38.14
C THR A 277 2.62 -14.42 39.29
N ASP A 278 3.71 -13.79 39.75
CA ASP A 278 3.68 -12.86 40.85
C ASP A 278 3.36 -11.43 40.41
N LYS A 279 2.86 -11.26 39.18
CA LYS A 279 2.34 -9.98 38.71
C LYS A 279 3.44 -8.94 38.44
N GLN A 280 4.60 -9.41 37.99
CA GLN A 280 5.66 -8.47 37.56
C GLN A 280 5.59 -8.26 36.06
N PRO A 281 5.50 -7.01 35.61
CA PRO A 281 5.67 -6.73 34.17
C PRO A 281 7.09 -7.00 33.72
N LEU A 282 7.26 -7.54 32.52
CA LEU A 282 8.56 -8.02 32.04
C LEU A 282 9.05 -7.18 30.88
N SER A 283 10.35 -6.89 30.89
CA SER A 283 11.01 -6.25 29.75
C SER A 283 12.09 -7.13 29.11
N ASP A 284 12.19 -8.40 29.49
CA ASP A 284 13.20 -9.26 28.90
C ASP A 284 12.77 -9.73 27.53
N ALA A 285 13.77 -10.04 26.71
CA ALA A 285 13.56 -10.63 25.40
C ALA A 285 14.47 -11.82 25.25
N TRP A 286 13.99 -12.81 24.49
CA TRP A 286 14.72 -14.04 24.26
C TRP A 286 14.50 -14.49 22.84
N THR A 287 15.43 -15.30 22.35
CA THR A 287 15.26 -16.03 21.10
C THR A 287 15.25 -17.51 21.41
N TYR A 288 14.32 -18.23 20.79
CA TYR A 288 14.29 -19.69 20.85
C TYR A 288 14.76 -20.19 19.50
N CYS A 289 15.83 -20.98 19.50
CA CYS A 289 16.33 -21.57 18.28
C CYS A 289 15.74 -22.96 18.13
N ILE A 290 15.02 -23.20 17.04
CA ILE A 290 14.26 -24.42 16.88
C ILE A 290 15.19 -25.63 16.72
N SER A 291 16.16 -25.52 15.80
CA SER A 291 17.05 -26.65 15.51
C SER A 291 17.89 -27.03 16.73
N LYS A 292 18.31 -26.04 17.52
CA LYS A 292 19.11 -26.32 18.70
C LYS A 292 18.27 -26.55 19.96
N ASN A 293 16.95 -26.32 19.92
CA ASN A 293 16.11 -26.47 21.11
C ASN A 293 16.69 -25.73 22.31
N GLU A 294 17.03 -24.45 22.10
CA GLU A 294 17.62 -23.67 23.18
C GLU A 294 17.10 -22.25 23.19
N TRP A 295 16.89 -21.71 24.40
CA TRP A 295 16.58 -20.30 24.61
C TRP A 295 17.86 -19.52 24.84
N ILE A 296 17.96 -18.34 24.23
CA ILE A 296 19.10 -17.43 24.40
C ILE A 296 18.57 -16.03 24.70
N GLN A 297 19.13 -15.39 25.73
CA GLN A 297 18.70 -14.02 26.06
C GLN A 297 19.07 -13.07 24.94
N PHE A 298 18.20 -12.08 24.70
CA PHE A 298 18.39 -11.08 23.65
C PHE A 298 18.61 -9.73 24.31
N ASN A 299 19.75 -9.12 24.01
CA ASN A 299 20.11 -7.82 24.60
C ASN A 299 19.46 -6.71 23.78
N HIS A 300 18.89 -5.73 24.46
CA HIS A 300 18.14 -4.67 23.78
C HIS A 300 18.12 -3.44 24.67
N PRO A 301 17.80 -2.27 24.12
CA PRO A 301 17.82 -1.04 24.93
C PRO A 301 16.51 -0.65 25.60
N TYR A 302 15.52 -1.55 25.67
CA TYR A 302 14.24 -1.19 26.27
C TYR A 302 14.06 -1.83 27.64
N THR A 303 15.14 -1.98 28.41
CA THR A 303 15.03 -2.66 29.69
C THR A 303 14.10 -1.92 30.64
N GLU A 304 13.94 -0.60 30.48
CA GLU A 304 13.05 0.16 31.35
C GLU A 304 11.68 0.35 30.73
N LYS A 305 11.37 -0.45 29.72
CA LYS A 305 10.07 -0.36 29.05
C LYS A 305 9.42 -1.75 29.01
N PRO A 306 9.09 -2.33 30.16
CA PRO A 306 8.31 -3.59 30.17
C PRO A 306 6.97 -3.36 29.51
N ARG A 307 6.49 -4.40 28.83
CA ARG A 307 5.16 -4.35 28.20
C ARG A 307 4.46 -5.68 28.40
N LEU A 308 3.17 -5.62 28.60
CA LEU A 308 2.31 -6.80 28.56
C LEU A 308 1.04 -6.47 27.80
N TRP A 309 0.52 -7.44 27.08
CA TRP A 309 -0.67 -7.23 26.26
C TRP A 309 -0.39 -6.26 25.10
N HIS A 310 0.88 -6.06 24.75
CA HIS A 310 1.30 -5.44 23.51
C HIS A 310 1.11 -6.40 22.34
N THR A 311 1.38 -5.90 21.13
CA THR A 311 1.47 -6.74 19.94
C THR A 311 2.89 -6.68 19.41
N ALA A 312 3.26 -7.68 18.63
CA ALA A 312 4.55 -7.74 17.94
C ALA A 312 4.33 -8.23 16.52
N CYS A 313 4.99 -7.56 15.56
CA CYS A 313 4.79 -7.98 14.16
C CYS A 313 6.19 -7.95 13.54
N ALA A 314 6.52 -8.93 12.71
CA ALA A 314 7.81 -8.91 12.02
C ALA A 314 7.70 -8.12 10.72
N SER A 315 8.78 -7.41 10.40
CA SER A 315 8.91 -6.75 9.11
C SER A 315 9.76 -7.59 8.17
N ASP A 316 9.63 -7.31 6.88
CA ASP A 316 10.50 -7.95 5.89
C ASP A 316 11.95 -7.51 6.03
N GLU A 317 12.21 -6.40 6.72
CA GLU A 317 13.55 -5.85 6.87
C GLU A 317 14.27 -6.38 8.10
N GLY A 318 13.88 -7.54 8.61
CA GLY A 318 14.55 -8.11 9.78
C GLY A 318 14.37 -7.36 11.09
N GLU A 319 13.16 -6.89 11.37
CA GLU A 319 12.89 -6.26 12.65
C GLU A 319 11.60 -6.84 13.24
N VAL A 320 11.44 -6.68 14.55
CA VAL A 320 10.17 -6.94 15.23
C VAL A 320 9.67 -5.60 15.74
N ILE A 321 8.43 -5.25 15.37
CA ILE A 321 7.80 -3.99 15.74
C ILE A 321 6.80 -4.28 16.85
N VAL A 322 7.08 -3.79 18.05
CA VAL A 322 6.19 -3.94 19.21
C VAL A 322 5.39 -2.68 19.39
N PHE A 323 4.09 -2.81 19.63
CA PHE A 323 3.25 -1.65 19.79
C PHE A 323 2.29 -1.81 20.96
N GLY A 324 2.06 -0.72 21.70
CA GLY A 324 1.01 -0.71 22.69
C GLY A 324 1.30 -1.56 23.90
N GLY A 325 0.24 -2.03 24.54
CA GLY A 325 0.35 -2.77 25.80
C GLY A 325 0.57 -1.84 26.98
N CYS A 326 0.70 -2.48 28.13
CA CYS A 326 0.71 -1.81 29.43
C CYS A 326 2.07 -1.95 30.08
N ALA A 327 2.56 -0.84 30.65
CA ALA A 327 3.88 -0.83 31.26
C ALA A 327 3.91 -1.41 32.67
N ASN A 328 2.79 -1.42 33.36
CA ASN A 328 2.79 -1.81 34.77
C ASN A 328 1.72 -2.86 34.99
N ASN A 329 1.39 -3.14 36.25
CA ASN A 329 0.41 -4.18 36.55
C ASN A 329 -0.99 -3.70 36.14
N LEU A 330 -1.47 -4.22 34.99
CA LEU A 330 -2.74 -3.74 34.45
C LEU A 330 -3.92 -4.15 35.33
N LEU A 331 -3.73 -5.07 36.27
CA LEU A 331 -4.82 -5.49 37.15
C LEU A 331 -5.09 -4.47 38.25
N VAL A 332 -4.21 -3.49 38.48
CA VAL A 332 -4.52 -2.32 39.33
C VAL A 332 -5.11 -1.31 38.36
N HIS A 333 -6.42 -1.42 38.15
CA HIS A 333 -7.04 -0.88 36.95
C HIS A 333 -6.87 0.62 36.84
N HIS A 334 -7.07 1.34 37.95
CA HIS A 334 -7.06 2.79 37.92
C HIS A 334 -5.66 3.37 37.71
N ARG A 335 -4.62 2.57 37.87
CA ARG A 335 -3.25 3.04 37.67
C ARG A 335 -2.61 2.44 36.42
N ALA A 336 -3.32 1.59 35.68
CA ALA A 336 -2.74 0.91 34.53
C ALA A 336 -2.26 1.96 33.51
N ALA A 337 -1.01 1.81 33.09
CA ALA A 337 -0.32 2.77 32.20
C ALA A 337 -0.17 2.17 30.80
N HIS A 338 -1.23 2.30 30.02
CA HIS A 338 -1.18 1.85 28.63
C HIS A 338 -0.24 2.71 27.79
N SER A 339 0.31 2.13 26.73
CA SER A 339 1.33 2.82 25.93
C SER A 339 0.90 2.93 24.47
N ASN A 340 1.35 3.96 23.79
CA ASN A 340 1.31 4.01 22.34
C ASN A 340 2.70 4.02 21.72
N GLU A 341 3.70 3.52 22.45
CA GLU A 341 5.06 3.53 21.89
C GLU A 341 5.29 2.37 20.94
N ILE A 342 6.08 2.64 19.91
CA ILE A 342 6.65 1.64 19.02
C ILE A 342 8.04 1.32 19.54
N LEU A 343 8.31 0.04 19.79
CA LEU A 343 9.62 -0.45 20.18
C LEU A 343 10.11 -1.33 19.05
N ILE A 344 11.27 -1.01 18.48
CA ILE A 344 11.79 -1.72 17.33
C ILE A 344 12.97 -2.57 17.75
N PHE A 345 12.87 -3.88 17.53
CA PHE A 345 13.95 -4.80 17.88
C PHE A 345 14.61 -5.26 16.59
N SER A 346 15.94 -5.19 16.56
CA SER A 346 16.70 -5.56 15.37
C SER A 346 17.05 -7.03 15.50
N VAL A 347 16.41 -7.86 14.70
CA VAL A 347 16.64 -9.30 14.73
C VAL A 347 17.20 -9.76 13.38
N ALA B 15 11.43 -3.94 -39.16
CA ALA B 15 11.64 -3.58 -37.75
C ALA B 15 10.48 -2.82 -37.15
N CYS B 16 10.12 -3.20 -35.92
CA CYS B 16 9.05 -2.50 -35.24
C CYS B 16 9.23 -2.68 -33.74
N PRO B 17 8.99 -1.65 -32.95
CA PRO B 17 9.17 -1.77 -31.51
C PRO B 17 8.10 -2.68 -30.88
N ALA B 18 8.47 -3.32 -29.78
CA ALA B 18 7.49 -4.07 -28.99
C ALA B 18 6.38 -3.17 -28.47
N GLU B 19 5.20 -3.75 -28.24
CA GLU B 19 4.10 -3.01 -27.65
C GLU B 19 4.43 -2.51 -26.24
N ARG B 20 3.79 -1.42 -25.87
CA ARG B 20 4.14 -0.81 -24.59
C ARG B 20 3.11 0.24 -24.23
N SER B 21 2.98 0.52 -22.92
CA SER B 21 2.30 1.70 -22.43
C SER B 21 3.25 2.48 -21.52
N GLY B 22 2.95 3.77 -21.32
CA GLY B 22 3.77 4.55 -20.37
C GLY B 22 5.13 4.89 -20.88
N HIS B 23 5.41 4.73 -22.15
CA HIS B 23 6.63 5.17 -22.81
C HIS B 23 6.59 6.67 -23.03
N VAL B 24 7.72 7.22 -23.52
CA VAL B 24 7.69 8.59 -24.02
C VAL B 24 7.88 8.58 -25.52
N ALA B 25 7.38 9.62 -26.16
CA ALA B 25 7.59 9.84 -27.58
C ALA B 25 7.71 11.35 -27.76
N VAL B 26 8.78 11.75 -28.42
CA VAL B 26 9.05 13.16 -28.68
C VAL B 26 9.46 13.31 -30.13
N SER B 27 9.31 14.49 -30.65
CA SER B 27 9.45 14.68 -32.08
C SER B 27 10.19 15.96 -32.40
N ASP B 28 10.99 15.89 -33.46
CA ASP B 28 11.63 17.06 -34.05
C ASP B 28 10.88 17.50 -35.31
N GLY B 29 9.69 16.94 -35.57
CA GLY B 29 8.81 17.23 -36.70
C GLY B 29 8.95 16.28 -37.87
N ARG B 30 10.08 15.57 -37.94
CA ARG B 30 10.33 14.54 -38.94
C ARG B 30 10.65 13.19 -38.32
N HIS B 31 11.24 13.15 -37.13
CA HIS B 31 11.47 11.88 -36.45
C HIS B 31 10.67 11.87 -35.17
N MET B 32 10.24 10.69 -34.78
CA MET B 32 9.60 10.51 -33.48
C MET B 32 10.46 9.52 -32.71
N PHE B 33 11.00 9.96 -31.58
CA PHE B 33 11.90 9.15 -30.77
C PHE B 33 11.08 8.55 -29.65
N VAL B 34 11.16 7.23 -29.50
CA VAL B 34 10.38 6.48 -28.52
C VAL B 34 11.30 5.78 -27.56
N TRP B 35 11.00 5.91 -26.25
CA TRP B 35 11.81 5.29 -25.22
C TRP B 35 10.94 4.76 -24.10
N GLY B 36 11.37 3.67 -23.51
CA GLY B 36 10.85 3.23 -22.23
C GLY B 36 9.44 2.64 -22.30
N GLY B 37 8.71 2.73 -21.17
CA GLY B 37 7.42 2.12 -21.01
C GLY B 37 7.52 0.71 -20.46
N TYR B 38 6.34 0.06 -20.38
CA TYR B 38 6.25 -1.31 -19.85
C TYR B 38 5.25 -2.11 -20.65
N LYS B 39 5.38 -3.45 -20.56
CA LYS B 39 4.44 -4.35 -21.18
C LYS B 39 4.28 -5.57 -20.30
N SER B 40 3.65 -6.63 -20.82
CA SER B 40 3.51 -7.89 -20.10
C SER B 40 4.44 -8.93 -20.69
N ASN B 41 4.84 -9.86 -19.87
CA ASN B 41 5.48 -11.09 -20.30
C ASN B 41 4.58 -12.21 -19.81
N GLN B 42 3.70 -12.69 -20.69
CA GLN B 42 2.65 -13.60 -20.21
C GLN B 42 3.21 -14.96 -19.84
N VAL B 43 4.27 -15.41 -20.52
CA VAL B 43 4.85 -16.70 -20.16
C VAL B 43 5.34 -16.70 -18.72
N ARG B 44 5.96 -15.61 -18.30
CA ARG B 44 6.52 -15.52 -16.95
C ARG B 44 5.57 -14.89 -15.95
N GLY B 45 4.38 -14.49 -16.39
CA GLY B 45 3.42 -13.86 -15.49
C GLY B 45 3.87 -12.53 -14.93
N LEU B 46 4.58 -11.75 -15.73
CA LEU B 46 5.08 -10.43 -15.32
C LEU B 46 4.31 -9.34 -16.03
N TYR B 47 3.65 -8.47 -15.28
CA TYR B 47 2.82 -7.40 -15.88
C TYR B 47 3.45 -6.01 -15.76
N ASP B 48 4.63 -5.92 -15.18
CA ASP B 48 5.40 -4.68 -15.11
C ASP B 48 6.75 -4.93 -15.78
N PHE B 49 6.68 -5.45 -16.99
CA PHE B 49 7.88 -5.80 -17.74
C PHE B 49 8.38 -4.56 -18.48
N TYR B 50 9.34 -3.88 -17.87
CA TYR B 50 9.81 -2.63 -18.47
C TYR B 50 10.59 -2.90 -19.77
N LEU B 51 10.45 -2.03 -20.73
CA LEU B 51 11.16 -2.16 -21.98
C LEU B 51 12.64 -1.81 -21.79
N PRO B 52 13.51 -2.31 -22.66
CA PRO B 52 14.96 -2.19 -22.40
C PRO B 52 15.41 -0.74 -22.34
N ARG B 53 16.22 -0.42 -21.33
CA ARG B 53 16.61 0.97 -21.08
C ARG B 53 17.50 1.53 -22.19
N GLU B 54 18.33 0.71 -22.83
CA GLU B 54 19.32 1.22 -23.78
C GLU B 54 18.73 1.42 -25.17
N GLU B 55 17.53 0.94 -25.45
CA GLU B 55 16.96 1.08 -26.78
C GLU B 55 16.34 2.45 -26.96
N LEU B 56 16.50 3.03 -28.14
CA LEU B 56 15.78 4.22 -28.57
C LEU B 56 15.22 3.89 -29.95
N TRP B 57 13.92 4.01 -30.09
CA TRP B 57 13.32 3.70 -31.39
C TRP B 57 13.00 4.98 -32.13
N ILE B 58 13.36 5.05 -33.41
CA ILE B 58 13.15 6.24 -34.22
C ILE B 58 12.16 5.87 -35.31
N TYR B 59 11.00 6.52 -35.30
CA TYR B 59 9.98 6.37 -36.33
C TYR B 59 10.20 7.53 -37.30
N ASN B 60 10.43 7.21 -38.59
CA ASN B 60 10.61 8.28 -39.56
C ASN B 60 9.25 8.65 -40.10
N MET B 61 8.89 9.93 -39.95
CA MET B 61 7.53 10.34 -40.26
C MET B 61 7.26 10.32 -41.76
N GLU B 62 8.28 10.47 -42.61
CA GLU B 62 8.08 10.47 -44.06
C GLU B 62 8.01 9.04 -44.60
N THR B 63 8.88 8.15 -44.12
CA THR B 63 8.90 6.82 -44.68
C THR B 63 8.00 5.83 -43.95
N GLY B 64 7.59 6.16 -42.73
CA GLY B 64 6.83 5.21 -41.90
C GLY B 64 7.61 4.03 -41.41
N ARG B 65 8.93 4.08 -41.46
CA ARG B 65 9.74 2.97 -40.97
C ARG B 65 10.41 3.29 -39.65
N TRP B 66 10.78 2.22 -38.96
CA TRP B 66 11.39 2.30 -37.65
C TRP B 66 12.85 1.88 -37.71
N LYS B 67 13.66 2.50 -36.85
CA LYS B 67 15.05 2.10 -36.66
C LYS B 67 15.31 2.03 -35.16
N LYS B 68 15.91 0.93 -34.70
CA LYS B 68 16.31 0.79 -33.30
C LYS B 68 17.77 1.17 -33.14
N ILE B 69 18.05 2.03 -32.17
CA ILE B 69 19.40 2.44 -31.80
C ILE B 69 19.68 1.95 -30.39
N ASN B 70 20.91 1.56 -30.10
CA ASN B 70 21.33 1.26 -28.73
C ASN B 70 22.17 2.42 -28.24
N THR B 71 21.69 3.09 -27.20
CA THR B 71 22.40 4.24 -26.68
C THR B 71 23.39 3.82 -25.60
N GLU B 72 24.33 4.73 -25.31
CA GLU B 72 25.32 4.49 -24.27
C GLU B 72 25.35 5.69 -23.34
N GLY B 73 26.38 5.78 -22.50
CA GLY B 73 26.42 6.89 -21.56
C GLY B 73 25.68 6.60 -20.27
N ASP B 74 25.14 7.64 -19.63
CA ASP B 74 24.41 7.46 -18.36
C ASP B 74 22.97 7.09 -18.68
N VAL B 75 22.81 5.87 -19.15
CA VAL B 75 21.47 5.48 -19.62
C VAL B 75 20.51 5.48 -18.45
N PRO B 76 19.30 6.07 -18.59
CA PRO B 76 18.34 6.09 -17.48
C PRO B 76 17.89 4.68 -17.17
N PRO B 77 17.40 4.43 -15.97
CA PRO B 77 16.76 3.13 -15.70
C PRO B 77 15.53 2.99 -16.57
N SER B 78 15.15 1.75 -16.86
CA SER B 78 13.88 1.52 -17.55
C SER B 78 12.73 2.07 -16.70
N MET B 79 11.86 2.85 -17.31
CA MET B 79 10.78 3.51 -16.59
C MET B 79 9.50 3.65 -17.40
N SER B 80 8.39 3.67 -16.68
CA SER B 80 7.12 4.11 -17.22
C SER B 80 6.80 5.48 -16.64
N GLY B 81 5.97 6.24 -17.36
CA GLY B 81 5.50 7.49 -16.82
C GLY B 81 6.46 8.66 -16.83
N SER B 82 7.64 8.56 -17.44
CA SER B 82 8.55 9.70 -17.53
C SER B 82 7.95 10.81 -18.37
N CYS B 83 8.50 12.00 -18.21
CA CYS B 83 8.03 13.19 -18.92
C CYS B 83 9.17 13.68 -19.80
N ALA B 84 8.98 13.68 -21.09
CA ALA B 84 10.05 14.01 -22.03
C ALA B 84 9.61 15.03 -23.05
N VAL B 85 10.60 15.73 -23.59
CA VAL B 85 10.35 16.67 -24.67
C VAL B 85 11.61 16.81 -25.51
N CYS B 86 11.42 17.19 -26.75
CA CYS B 86 12.55 17.44 -27.64
C CYS B 86 12.55 18.92 -27.98
N VAL B 87 13.60 19.62 -27.58
CA VAL B 87 13.76 21.06 -27.88
C VAL B 87 15.07 21.25 -28.61
N ASP B 88 15.00 21.79 -29.82
CA ASP B 88 16.21 22.04 -30.64
C ASP B 88 17.07 20.80 -30.76
N ARG B 89 16.41 19.65 -30.97
CA ARG B 89 17.06 18.39 -31.26
C ARG B 89 17.77 17.79 -30.04
N VAL B 90 17.44 18.26 -28.84
CA VAL B 90 17.93 17.67 -27.61
C VAL B 90 16.73 17.03 -26.96
N LEU B 91 16.88 15.77 -26.54
CA LEU B 91 15.82 15.07 -25.81
C LEU B 91 16.09 15.27 -24.32
N TYR B 92 15.07 15.70 -23.58
CA TYR B 92 15.17 15.92 -22.14
C TYR B 92 14.15 15.02 -21.46
N LEU B 93 14.54 14.34 -20.41
CA LEU B 93 13.69 13.35 -19.76
C LEU B 93 13.72 13.59 -18.27
N PHE B 94 12.53 13.72 -17.66
CA PHE B 94 12.39 13.98 -16.24
C PHE B 94 11.44 12.97 -15.60
N GLY B 95 11.78 12.51 -14.40
CA GLY B 95 10.87 11.72 -13.58
C GLY B 95 10.61 10.32 -14.16
N GLY B 96 9.56 9.69 -13.65
CA GLY B 96 9.22 8.32 -14.08
C GLY B 96 9.12 7.37 -12.90
N HIS B 97 8.88 6.12 -13.22
CA HIS B 97 8.73 5.04 -12.27
C HIS B 97 9.57 3.88 -12.77
N HIS B 98 10.62 3.53 -12.03
CA HIS B 98 11.41 2.34 -12.29
C HIS B 98 11.01 1.23 -11.33
N SER B 99 11.73 0.11 -11.40
CA SER B 99 11.38 -1.04 -10.56
C SER B 99 11.51 -0.74 -9.05
N ARG B 100 12.23 0.31 -8.66
CA ARG B 100 12.33 0.68 -7.25
C ARG B 100 11.63 2.00 -6.93
N GLY B 101 10.68 2.42 -7.78
CA GLY B 101 9.81 3.53 -7.43
C GLY B 101 10.04 4.77 -8.28
N ASN B 102 9.48 5.87 -7.79
CA ASN B 102 9.53 7.13 -8.53
C ASN B 102 10.89 7.81 -8.40
N THR B 103 11.18 8.69 -9.35
CA THR B 103 12.44 9.44 -9.38
C THR B 103 12.18 10.90 -9.73
N ASN B 104 13.14 11.75 -9.36
CA ASN B 104 13.17 13.13 -9.83
C ASN B 104 14.44 13.43 -10.63
N LYS B 105 15.13 12.39 -11.10
CA LYS B 105 16.34 12.61 -11.88
C LYS B 105 16.01 13.14 -13.27
N PHE B 106 17.02 13.76 -13.88
CA PHE B 106 16.91 14.46 -15.14
C PHE B 106 18.03 13.97 -16.06
N TYR B 107 17.67 13.65 -17.31
CA TYR B 107 18.60 13.14 -18.29
C TYR B 107 18.47 13.94 -19.58
N MET B 108 19.55 13.95 -20.38
CA MET B 108 19.61 14.66 -21.66
C MET B 108 20.23 13.71 -22.67
N LEU B 109 19.71 13.72 -23.89
CA LEU B 109 20.31 12.96 -25.00
C LEU B 109 20.42 13.93 -26.16
N ASP B 110 21.64 14.35 -26.52
CA ASP B 110 21.80 15.35 -27.56
C ASP B 110 21.98 14.64 -28.90
N SER B 111 21.04 14.87 -29.82
CA SER B 111 21.03 14.20 -31.11
C SER B 111 21.66 15.04 -32.20
N ARG B 112 22.12 16.24 -31.87
CA ARG B 112 22.88 17.03 -32.84
C ARG B 112 24.32 16.54 -32.86
N SER B 113 24.51 15.25 -33.10
CA SER B 113 25.82 14.64 -32.98
C SER B 113 26.11 13.87 -34.25
N THR B 114 27.34 13.98 -34.72
CA THR B 114 27.85 13.15 -35.81
C THR B 114 28.51 11.87 -35.33
N ASP B 115 28.58 11.64 -34.02
CA ASP B 115 29.05 10.36 -33.52
C ASP B 115 28.03 9.27 -33.89
N ARG B 116 28.55 8.05 -34.15
CA ARG B 116 27.68 6.92 -34.50
C ARG B 116 26.86 6.42 -33.32
N VAL B 117 27.26 6.72 -32.09
CA VAL B 117 26.55 6.24 -30.91
C VAL B 117 26.02 7.45 -30.15
N LEU B 118 24.74 7.46 -29.88
CA LEU B 118 24.12 8.53 -29.09
C LEU B 118 24.31 8.26 -27.60
N GLN B 119 24.58 9.33 -26.85
CA GLN B 119 24.94 9.22 -25.44
C GLN B 119 23.95 9.94 -24.55
N TRP B 120 23.45 9.22 -23.55
CA TRP B 120 22.70 9.85 -22.47
C TRP B 120 23.64 10.48 -21.47
N GLU B 121 23.19 11.57 -20.89
CA GLU B 121 23.93 12.23 -19.81
C GLU B 121 22.95 12.49 -18.66
N ARG B 122 23.28 11.97 -17.47
CA ARG B 122 22.49 12.31 -16.28
C ARG B 122 22.97 13.68 -15.80
N ILE B 123 22.05 14.62 -15.64
CA ILE B 123 22.40 15.98 -15.26
C ILE B 123 22.18 16.16 -13.77
N ASP B 124 23.18 16.68 -13.10
CA ASP B 124 23.02 17.15 -11.74
C ASP B 124 22.52 18.59 -11.82
N CYS B 125 21.26 18.78 -11.52
CA CYS B 125 20.62 20.07 -11.65
C CYS B 125 20.84 20.89 -10.40
N GLN B 126 20.85 22.20 -10.58
CA GLN B 126 20.97 23.11 -9.45
C GLN B 126 19.58 23.50 -8.94
N GLY B 127 19.56 24.11 -7.78
CA GLY B 127 18.28 24.50 -7.18
C GLY B 127 17.55 23.31 -6.60
N ILE B 128 16.32 23.55 -6.14
CA ILE B 128 15.54 22.53 -5.46
C ILE B 128 14.70 21.79 -6.52
N PRO B 129 14.89 20.49 -6.72
CA PRO B 129 14.15 19.78 -7.78
C PRO B 129 12.71 19.52 -7.36
N PRO B 130 11.82 19.21 -8.31
CA PRO B 130 10.49 18.70 -7.96
C PRO B 130 10.59 17.45 -7.13
N SER B 131 9.47 17.07 -6.50
CA SER B 131 9.43 15.78 -5.81
C SER B 131 9.51 14.65 -6.86
N SER B 132 9.87 13.44 -6.41
CA SER B 132 9.94 12.27 -7.30
C SER B 132 8.54 11.88 -7.72
N LYS B 133 8.33 11.73 -9.01
CA LYS B 133 6.96 11.56 -9.51
C LYS B 133 6.97 11.10 -10.96
N ASP B 134 5.77 10.72 -11.43
CA ASP B 134 5.58 10.29 -12.81
C ASP B 134 4.23 10.84 -13.28
N LYS B 135 3.88 10.52 -14.53
CA LYS B 135 2.55 10.82 -15.08
C LYS B 135 2.19 12.31 -14.91
N LEU B 136 3.05 13.15 -15.47
CA LEU B 136 2.91 14.60 -15.37
C LEU B 136 2.88 15.22 -16.77
N GLY B 137 3.18 16.50 -16.88
CA GLY B 137 3.21 17.15 -18.17
C GLY B 137 4.23 18.27 -18.17
N VAL B 138 4.52 18.78 -19.37
CA VAL B 138 5.58 19.78 -19.54
C VAL B 138 5.17 20.75 -20.65
N TRP B 139 5.48 22.02 -20.47
CA TRP B 139 5.39 23.05 -21.49
C TRP B 139 6.79 23.56 -21.81
N VAL B 140 6.96 24.06 -23.02
CA VAL B 140 8.24 24.55 -23.50
C VAL B 140 8.07 26.01 -23.90
N TYR B 141 8.92 26.89 -23.36
CA TYR B 141 8.77 28.30 -23.63
C TYR B 141 10.10 28.98 -23.36
N LYS B 142 10.65 29.63 -24.39
CA LYS B 142 11.85 30.48 -24.25
C LYS B 142 12.97 29.84 -23.41
N ASN B 143 13.51 28.72 -23.90
CA ASN B 143 14.67 28.08 -23.25
C ASN B 143 14.36 27.53 -21.83
N LYS B 144 13.09 27.45 -21.45
CA LYS B 144 12.71 26.85 -20.18
C LYS B 144 11.80 25.65 -20.44
N LEU B 145 11.92 24.67 -19.56
CA LEU B 145 10.97 23.56 -19.46
C LEU B 145 10.13 23.82 -18.21
N ILE B 146 8.81 23.75 -18.34
CA ILE B 146 7.92 24.07 -17.23
C ILE B 146 7.07 22.85 -16.96
N PHE B 147 7.32 22.17 -15.83
CA PHE B 147 6.67 20.90 -15.50
C PHE B 147 5.49 21.17 -14.56
N PHE B 148 4.42 20.37 -14.71
CA PHE B 148 3.22 20.54 -13.90
C PHE B 148 2.67 19.19 -13.44
N GLY B 149 2.34 19.10 -12.14
CA GLY B 149 1.57 17.96 -11.61
C GLY B 149 2.34 16.69 -11.45
N GLY B 150 1.59 15.58 -11.41
CA GLY B 150 2.16 14.25 -11.30
C GLY B 150 1.75 13.51 -10.03
N TYR B 151 2.30 12.30 -9.93
CA TYR B 151 1.96 11.33 -8.89
C TYR B 151 3.27 10.81 -8.34
N GLY B 152 3.41 10.82 -7.02
CA GLY B 152 4.64 10.35 -6.41
C GLY B 152 4.64 10.57 -4.90
N TYR B 153 5.84 10.58 -4.31
CA TYR B 153 5.96 10.63 -2.84
C TYR B 153 5.65 12.02 -2.30
N LEU B 154 5.36 12.05 -1.00
CA LEU B 154 5.17 13.31 -0.31
C LEU B 154 6.40 14.18 -0.51
N PRO B 155 6.24 15.44 -0.89
CA PRO B 155 7.42 16.27 -1.12
C PRO B 155 8.23 16.45 0.18
N GLU B 156 9.56 16.35 0.03
CA GLU B 156 10.54 16.45 1.11
C GLU B 156 11.06 17.86 1.28
N ASP B 157 11.20 18.59 0.19
CA ASP B 157 11.80 19.93 0.18
C ASP B 157 10.71 20.99 0.16
N LYS B 158 11.09 22.20 0.58
CA LYS B 158 10.18 23.34 0.55
C LYS B 158 9.70 23.54 -0.88
N VAL B 159 8.38 23.58 -1.07
CA VAL B 159 7.81 23.61 -2.41
C VAL B 159 6.54 24.45 -2.36
N LEU B 160 6.31 25.21 -3.42
CA LEU B 160 5.09 25.99 -3.52
C LEU B 160 4.06 25.13 -4.22
N GLY B 161 2.87 25.07 -3.66
CA GLY B 161 1.75 24.33 -4.18
C GLY B 161 1.23 23.33 -3.16
N THR B 162 0.44 22.41 -3.64
CA THR B 162 -0.25 21.48 -2.76
C THR B 162 -0.08 20.04 -3.23
N PHE B 163 -0.29 19.15 -2.29
CA PHE B 163 -0.15 17.71 -2.49
C PHE B 163 -1.27 17.03 -1.72
N GLU B 164 -1.88 16.04 -2.35
CA GLU B 164 -2.95 15.28 -1.71
C GLU B 164 -2.67 13.79 -1.89
N PHE B 165 -2.75 13.03 -0.81
CA PHE B 165 -2.49 11.60 -0.89
C PHE B 165 -3.59 10.85 -1.65
N ASP B 166 -3.16 9.81 -2.33
CA ASP B 166 -4.05 8.75 -2.81
C ASP B 166 -4.30 7.83 -1.62
N GLU B 167 -5.52 7.86 -1.09
CA GLU B 167 -5.82 7.15 0.14
C GLU B 167 -5.52 5.65 0.03
N THR B 168 -5.72 5.07 -1.13
CA THR B 168 -5.51 3.64 -1.22
C THR B 168 -4.06 3.24 -1.17
N SER B 169 -3.15 4.21 -1.40
CA SER B 169 -1.73 3.89 -1.37
C SER B 169 -1.23 3.61 0.04
N PHE B 170 -2.01 3.96 1.08
CA PHE B 170 -1.60 3.63 2.44
C PHE B 170 -1.67 2.14 2.70
N TRP B 171 -2.43 1.39 1.91
CA TRP B 171 -2.47 -0.06 2.05
C TRP B 171 -2.12 -0.85 0.79
N ASN B 172 -2.25 -0.26 -0.41
CA ASN B 172 -2.08 -0.97 -1.68
C ASN B 172 -0.66 -0.90 -2.23
N SER B 173 0.21 -0.08 -1.62
CA SER B 173 1.57 0.08 -2.11
C SER B 173 2.51 0.12 -0.92
N SER B 174 3.81 -0.01 -1.16
CA SER B 174 4.74 -0.08 -0.03
C SER B 174 5.01 1.28 0.62
N HIS B 175 4.71 2.38 -0.08
CA HIS B 175 4.96 3.70 0.40
C HIS B 175 3.83 4.60 -0.08
N PRO B 176 3.26 5.44 0.77
CA PRO B 176 2.14 6.27 0.31
C PRO B 176 2.58 7.25 -0.78
N ARG B 177 1.66 7.54 -1.69
CA ARG B 177 1.91 8.44 -2.80
C ARG B 177 0.67 9.29 -3.04
N GLY B 178 0.81 10.34 -3.84
CA GLY B 178 -0.30 11.23 -4.07
C GLY B 178 -0.04 12.18 -5.22
N TRP B 179 -1.00 13.08 -5.43
CA TRP B 179 -1.00 14.00 -6.57
C TRP B 179 -0.53 15.38 -6.13
N ASN B 180 0.09 16.12 -7.06
CA ASN B 180 0.50 17.48 -6.77
C ASN B 180 0.01 18.42 -7.88
N ASP B 181 -0.09 19.72 -7.58
CA ASP B 181 -0.37 20.76 -8.56
C ASP B 181 0.88 21.63 -8.84
N HIS B 182 2.07 21.11 -8.58
CA HIS B 182 3.27 21.95 -8.58
C HIS B 182 3.68 22.39 -9.99
N VAL B 183 4.24 23.61 -10.06
CA VAL B 183 4.83 24.16 -11.27
C VAL B 183 6.31 24.37 -10.99
N HIS B 184 7.17 23.72 -11.77
CA HIS B 184 8.62 23.89 -11.64
C HIS B 184 9.21 24.26 -12.99
N ILE B 185 10.15 25.21 -12.98
CA ILE B 185 10.85 25.66 -14.19
C ILE B 185 12.27 25.11 -14.15
N LEU B 186 12.72 24.53 -15.27
CA LEU B 186 14.13 24.19 -15.43
C LEU B 186 14.71 25.02 -16.57
N ASP B 187 15.76 25.79 -16.25
CA ASP B 187 16.52 26.55 -17.24
C ASP B 187 17.56 25.63 -17.84
N THR B 188 17.48 25.37 -19.16
CA THR B 188 18.34 24.36 -19.76
C THR B 188 19.76 24.85 -20.04
N GLU B 189 20.07 26.14 -19.81
CA GLU B 189 21.44 26.64 -19.96
C GLU B 189 22.32 26.28 -18.75
N THR B 190 21.78 26.44 -17.55
CA THR B 190 22.52 26.21 -16.32
C THR B 190 22.03 24.98 -15.59
N PHE B 191 20.94 24.36 -16.10
CA PHE B 191 20.23 23.27 -15.45
C PHE B 191 19.87 23.65 -14.01
N THR B 192 19.18 24.79 -13.88
CA THR B 192 18.71 25.28 -12.57
C THR B 192 17.19 25.21 -12.43
N TRP B 193 16.74 24.55 -11.37
CA TRP B 193 15.32 24.47 -11.00
C TRP B 193 14.87 25.71 -10.25
N SER B 194 13.67 26.20 -10.51
CA SER B 194 13.02 27.23 -9.70
C SER B 194 11.50 27.01 -9.79
N GLN B 195 10.76 27.82 -9.05
CA GLN B 195 9.30 27.80 -9.16
C GLN B 195 8.83 29.23 -9.31
N PRO B 196 7.87 29.48 -10.18
CA PRO B 196 7.30 30.82 -10.30
C PRO B 196 6.24 31.03 -9.23
N ILE B 197 5.98 32.31 -8.93
CA ILE B 197 4.85 32.67 -8.10
C ILE B 197 3.66 32.91 -9.03
N THR B 198 2.64 32.07 -8.94
CA THR B 198 1.54 32.15 -9.87
C THR B 198 0.38 32.90 -9.21
N THR B 199 -0.55 33.37 -10.04
CA THR B 199 -1.78 33.99 -9.57
C THR B 199 -2.93 33.26 -10.29
N GLY B 200 -4.16 33.57 -9.86
CA GLY B 200 -5.32 32.82 -10.32
C GLY B 200 -5.41 31.50 -9.58
N LYS B 201 -6.47 30.75 -9.86
CA LYS B 201 -6.70 29.46 -9.18
C LYS B 201 -6.04 28.35 -9.99
N ALA B 202 -5.00 27.73 -9.43
CA ALA B 202 -4.41 26.58 -10.13
C ALA B 202 -5.41 25.44 -10.26
N PRO B 203 -5.24 24.54 -11.25
CA PRO B 203 -6.05 23.31 -11.26
C PRO B 203 -5.76 22.51 -10.01
N SER B 204 -6.69 21.62 -9.68
CA SER B 204 -6.42 20.73 -8.57
C SER B 204 -5.16 19.92 -8.87
N PRO B 205 -4.52 19.38 -7.81
CA PRO B 205 -3.51 18.33 -8.04
C PRO B 205 -4.04 17.26 -8.98
N ARG B 206 -3.16 16.65 -9.76
CA ARG B 206 -3.61 15.62 -10.70
C ARG B 206 -2.41 14.93 -11.30
N ALA B 207 -2.64 13.73 -11.85
CA ALA B 207 -1.65 13.02 -12.64
C ALA B 207 -2.38 12.43 -13.85
N ALA B 208 -1.61 12.00 -14.85
CA ALA B 208 -2.17 11.45 -16.10
C ALA B 208 -3.03 12.45 -16.84
N HIS B 209 -2.88 13.73 -16.56
CA HIS B 209 -3.42 14.83 -17.36
C HIS B 209 -2.58 14.97 -18.64
N ALA B 210 -2.96 15.89 -19.51
CA ALA B 210 -2.20 16.12 -20.73
C ALA B 210 -1.95 17.60 -20.87
N CYS B 211 -0.72 17.97 -21.20
CA CYS B 211 -0.31 19.35 -21.37
C CYS B 211 0.04 19.64 -22.83
N ALA B 212 -0.20 20.87 -23.26
CA ALA B 212 0.15 21.28 -24.60
C ALA B 212 0.42 22.77 -24.58
N THR B 213 1.40 23.23 -25.35
CA THR B 213 1.79 24.63 -25.39
C THR B 213 1.44 25.21 -26.75
N VAL B 214 0.75 26.36 -26.76
CA VAL B 214 0.56 27.15 -27.96
C VAL B 214 0.93 28.59 -27.61
N GLY B 215 1.98 29.13 -28.23
CA GLY B 215 2.40 30.49 -27.89
C GLY B 215 2.82 30.53 -26.45
N ASN B 216 2.34 31.54 -25.73
CA ASN B 216 2.65 31.69 -24.31
C ASN B 216 1.60 31.05 -23.41
N ARG B 217 0.77 30.15 -23.92
CA ARG B 217 -0.24 29.49 -23.10
C ARG B 217 0.12 28.03 -22.89
N GLY B 218 0.26 27.65 -21.64
CA GLY B 218 0.41 26.24 -21.34
C GLY B 218 -0.91 25.62 -20.93
N PHE B 219 -1.55 24.89 -21.86
CA PHE B 219 -2.84 24.26 -21.59
C PHE B 219 -2.67 22.94 -20.84
N VAL B 220 -3.65 22.63 -20.00
CA VAL B 220 -3.73 21.33 -19.36
C VAL B 220 -5.19 20.88 -19.35
N PHE B 221 -5.44 19.62 -19.71
CA PHE B 221 -6.78 19.08 -19.76
C PHE B 221 -6.86 17.76 -18.97
N GLY B 222 -7.89 17.66 -18.11
CA GLY B 222 -8.25 16.36 -17.54
C GLY B 222 -7.26 15.84 -16.52
N GLY B 223 -7.24 14.52 -16.37
CA GLY B 223 -6.39 13.86 -15.41
C GLY B 223 -7.16 13.22 -14.26
N ARG B 224 -6.40 12.47 -13.48
CA ARG B 224 -6.92 11.77 -12.30
C ARG B 224 -6.66 12.57 -11.05
N TYR B 225 -7.68 12.72 -10.22
CA TYR B 225 -7.53 13.28 -8.88
C TYR B 225 -8.55 12.61 -7.97
N ARG B 226 -8.09 11.98 -6.90
CA ARG B 226 -8.98 11.34 -5.93
C ARG B 226 -9.87 10.37 -6.69
N ASP B 227 -11.20 10.45 -6.60
CA ASP B 227 -12.06 9.45 -7.22
C ASP B 227 -12.60 9.86 -8.59
N ALA B 228 -11.97 10.81 -9.26
CA ALA B 228 -12.48 11.27 -10.52
C ALA B 228 -11.39 11.27 -11.57
N ARG B 229 -11.78 11.03 -12.81
CA ARG B 229 -11.02 11.42 -13.97
C ARG B 229 -11.77 12.57 -14.63
N MET B 230 -11.08 13.69 -14.82
CA MET B 230 -11.70 14.99 -14.97
C MET B 230 -11.78 15.46 -16.42
N ASN B 231 -12.65 16.45 -16.67
CA ASN B 231 -12.74 17.06 -17.99
C ASN B 231 -12.59 18.57 -17.97
N ASP B 232 -11.88 19.10 -16.97
CA ASP B 232 -11.66 20.54 -16.93
C ASP B 232 -10.45 20.94 -17.78
N LEU B 233 -10.43 22.19 -18.19
CA LEU B 233 -9.42 22.71 -19.09
C LEU B 233 -8.92 24.02 -18.49
N HIS B 234 -7.61 24.14 -18.35
CA HIS B 234 -6.99 25.36 -17.83
C HIS B 234 -5.81 25.73 -18.71
N TYR B 235 -5.33 26.95 -18.58
CA TYR B 235 -4.04 27.31 -19.11
C TYR B 235 -3.31 28.20 -18.13
N LEU B 236 -2.00 28.03 -18.08
CA LEU B 236 -1.09 28.92 -17.36
C LEU B 236 -0.44 29.87 -18.36
N ASN B 237 -0.61 31.17 -18.15
CA ASN B 237 0.10 32.16 -18.96
C ASN B 237 1.58 32.09 -18.62
N LEU B 238 2.40 31.71 -19.60
CA LEU B 238 3.83 31.49 -19.38
C LEU B 238 4.65 32.78 -19.35
N ASP B 239 4.03 33.93 -19.58
CA ASP B 239 4.71 35.20 -19.38
C ASP B 239 4.35 35.80 -18.02
N THR B 240 3.07 35.75 -17.66
CA THR B 240 2.58 36.43 -16.47
C THR B 240 2.41 35.52 -15.28
N TRP B 241 2.42 34.20 -15.49
CA TRP B 241 2.20 33.20 -14.44
C TRP B 241 0.80 33.29 -13.83
N GLU B 242 -0.16 33.76 -14.62
CA GLU B 242 -1.57 33.71 -14.24
C GLU B 242 -2.22 32.43 -14.78
N TRP B 243 -2.85 31.70 -13.87
CA TRP B 243 -3.71 30.58 -14.22
C TRP B 243 -5.08 31.08 -14.67
N ASN B 244 -5.65 30.39 -15.67
CA ASN B 244 -6.99 30.64 -16.18
C ASN B 244 -7.76 29.36 -16.41
N GLU B 245 -9.01 29.32 -15.98
CA GLU B 245 -9.85 28.17 -16.28
C GLU B 245 -10.70 28.51 -17.49
N LEU B 246 -10.74 27.61 -18.46
CA LEU B 246 -11.51 27.77 -19.68
C LEU B 246 -12.81 27.00 -19.56
N ILE B 247 -13.94 27.70 -19.73
CA ILE B 247 -15.26 27.06 -19.62
C ILE B 247 -15.80 27.03 -21.04
N PRO B 248 -15.76 25.90 -21.71
CA PRO B 248 -16.12 25.87 -23.13
C PRO B 248 -17.58 26.18 -23.36
N GLN B 249 -17.85 26.67 -24.57
CA GLN B 249 -19.20 27.14 -24.92
C GLN B 249 -20.24 26.04 -24.79
N GLY B 250 -19.91 24.81 -25.12
CA GLY B 250 -20.93 23.77 -25.15
C GLY B 250 -20.49 22.41 -24.62
N ILE B 251 -20.86 21.36 -25.35
CA ILE B 251 -20.47 20.00 -24.95
C ILE B 251 -18.97 19.86 -24.81
N CYS B 252 -18.56 19.07 -23.83
CA CYS B 252 -17.15 18.81 -23.57
C CYS B 252 -16.91 17.32 -23.69
N PRO B 253 -15.67 16.90 -24.01
CA PRO B 253 -15.33 15.48 -23.90
C PRO B 253 -15.55 15.00 -22.46
N VAL B 254 -15.94 13.74 -22.32
CA VAL B 254 -16.14 13.17 -20.99
C VAL B 254 -14.81 13.16 -20.23
N GLY B 255 -14.92 13.22 -18.90
CA GLY B 255 -13.73 13.24 -18.06
C GLY B 255 -12.87 12.00 -18.28
N ARG B 256 -11.56 12.20 -18.20
CA ARG B 256 -10.63 11.15 -18.61
C ARG B 256 -9.23 11.43 -18.07
N SER B 257 -8.45 10.39 -17.97
CA SER B 257 -6.99 10.48 -17.79
C SER B 257 -6.35 9.65 -18.89
N TRP B 258 -5.03 9.79 -19.06
CA TRP B 258 -4.26 8.92 -19.94
C TRP B 258 -4.54 9.19 -21.42
N HIS B 259 -5.14 10.32 -21.72
CA HIS B 259 -5.42 10.81 -23.04
C HIS B 259 -4.21 11.62 -23.53
N SER B 260 -4.22 11.91 -24.83
CA SER B 260 -3.19 12.78 -25.40
C SER B 260 -3.82 14.10 -25.84
N LEU B 261 -3.04 15.19 -25.79
CA LEU B 261 -3.49 16.53 -26.16
C LEU B 261 -2.34 17.18 -26.92
N THR B 262 -2.54 17.49 -28.20
CA THR B 262 -1.45 17.84 -29.10
C THR B 262 -1.80 19.11 -29.86
N PRO B 263 -0.94 20.12 -29.88
CA PRO B 263 -1.19 21.28 -30.74
C PRO B 263 -1.10 20.87 -32.20
N VAL B 264 -2.06 21.32 -33.01
CA VAL B 264 -2.05 21.02 -34.43
C VAL B 264 -2.06 22.26 -35.29
N SER B 265 -2.13 23.43 -34.70
CA SER B 265 -2.15 24.70 -35.42
C SER B 265 -1.92 25.76 -34.37
N SER B 266 -1.93 27.03 -34.81
CA SER B 266 -1.86 28.13 -33.85
C SER B 266 -3.17 28.32 -33.08
N ASP B 267 -4.26 27.61 -33.45
CA ASP B 267 -5.56 27.82 -32.82
C ASP B 267 -6.28 26.55 -32.40
N HIS B 268 -5.62 25.38 -32.44
CA HIS B 268 -6.33 24.11 -32.19
C HIS B 268 -5.49 23.10 -31.46
N LEU B 269 -6.13 22.42 -30.52
CA LEU B 269 -5.55 21.30 -29.81
C LEU B 269 -6.33 20.07 -30.24
N PHE B 270 -5.63 18.94 -30.33
CA PHE B 270 -6.23 17.67 -30.73
C PHE B 270 -6.13 16.69 -29.55
N LEU B 271 -7.27 16.15 -29.15
CA LEU B 271 -7.41 15.23 -28.04
C LEU B 271 -7.78 13.85 -28.58
N PHE B 272 -7.10 12.81 -28.09
CA PHE B 272 -7.47 11.44 -28.41
C PHE B 272 -7.39 10.53 -27.20
N GLY B 273 -8.39 9.65 -27.07
CA GLY B 273 -8.23 8.49 -26.23
C GLY B 273 -8.38 8.80 -24.75
N GLY B 274 -7.91 7.85 -23.96
CA GLY B 274 -7.97 8.02 -22.51
C GLY B 274 -8.88 6.98 -21.84
N PHE B 275 -9.25 7.28 -20.60
CA PHE B 275 -9.81 6.30 -19.66
C PHE B 275 -10.78 7.08 -18.79
N THR B 276 -12.04 6.64 -18.72
CA THR B 276 -13.03 7.42 -17.99
C THR B 276 -12.98 7.10 -16.50
N THR B 277 -13.82 7.84 -15.75
CA THR B 277 -13.94 7.58 -14.31
C THR B 277 -14.41 6.18 -14.05
N ASP B 278 -15.31 5.67 -14.92
CA ASP B 278 -15.86 4.32 -14.79
C ASP B 278 -15.00 3.26 -15.47
N LYS B 279 -13.75 3.59 -15.82
CA LYS B 279 -12.78 2.63 -16.33
C LYS B 279 -13.08 2.17 -17.76
N GLN B 280 -13.65 3.05 -18.59
CA GLN B 280 -13.89 2.70 -20.00
C GLN B 280 -12.74 3.25 -20.84
N PRO B 281 -12.06 2.40 -21.64
CA PRO B 281 -11.12 2.94 -22.64
C PRO B 281 -11.83 3.73 -23.71
N LEU B 282 -11.20 4.78 -24.19
CA LEU B 282 -11.85 5.71 -25.11
C LEU B 282 -11.16 5.69 -26.46
N SER B 283 -11.98 5.75 -27.51
CA SER B 283 -11.49 5.93 -28.87
C SER B 283 -11.96 7.22 -29.53
N ASP B 284 -12.59 8.12 -28.77
CA ASP B 284 -13.07 9.35 -29.38
C ASP B 284 -11.92 10.33 -29.54
N ALA B 285 -12.08 11.22 -30.51
CA ALA B 285 -11.16 12.31 -30.72
C ALA B 285 -11.93 13.60 -30.86
N TRP B 286 -11.30 14.69 -30.44
CA TRP B 286 -11.92 16.01 -30.46
C TRP B 286 -10.86 17.04 -30.81
N THR B 287 -11.31 18.17 -31.31
CA THR B 287 -10.46 19.34 -31.48
C THR B 287 -11.01 20.45 -30.61
N TYR B 288 -10.13 21.15 -29.90
CA TYR B 288 -10.51 22.35 -29.15
C TYR B 288 -10.00 23.55 -29.94
N CYS B 289 -10.91 24.44 -30.30
CA CYS B 289 -10.52 25.66 -30.99
C CYS B 289 -10.35 26.77 -29.98
N ILE B 290 -9.13 27.33 -29.91
CA ILE B 290 -8.79 28.26 -28.83
C ILE B 290 -9.56 29.57 -28.98
N SER B 291 -9.55 30.15 -30.18
CA SER B 291 -10.19 31.44 -30.42
C SER B 291 -11.70 31.36 -30.25
N LYS B 292 -12.31 30.23 -30.57
CA LYS B 292 -13.74 30.07 -30.40
C LYS B 292 -14.13 29.46 -29.05
N ASN B 293 -13.17 28.96 -28.26
CA ASN B 293 -13.46 28.31 -26.97
C ASN B 293 -14.53 27.23 -27.13
N GLU B 294 -14.31 26.33 -28.09
CA GLU B 294 -15.29 25.29 -28.37
C GLU B 294 -14.61 23.97 -28.69
N TRP B 295 -15.19 22.88 -28.19
CA TRP B 295 -14.80 21.53 -28.53
C TRP B 295 -15.68 21.05 -29.68
N ILE B 296 -15.09 20.38 -30.67
CA ILE B 296 -15.82 19.74 -31.76
C ILE B 296 -15.32 18.32 -31.97
N GLN B 297 -16.24 17.38 -32.15
CA GLN B 297 -15.85 15.99 -32.34
C GLN B 297 -15.08 15.83 -33.65
N PHE B 298 -14.12 14.91 -33.66
CA PHE B 298 -13.29 14.64 -34.83
C PHE B 298 -13.59 13.24 -35.31
N ASN B 299 -14.02 13.11 -36.56
CA ASN B 299 -14.32 11.80 -37.13
C ASN B 299 -13.06 11.16 -37.66
N HIS B 300 -12.90 9.87 -37.37
CA HIS B 300 -11.70 9.15 -37.76
C HIS B 300 -12.04 7.68 -37.88
N PRO B 301 -11.17 6.88 -38.52
CA PRO B 301 -11.47 5.46 -38.74
C PRO B 301 -11.00 4.51 -37.64
N TYR B 302 -10.58 4.99 -36.48
CA TYR B 302 -10.07 4.09 -35.45
C TYR B 302 -11.05 3.94 -34.29
N THR B 303 -12.37 3.97 -34.56
CA THR B 303 -13.32 3.87 -33.44
C THR B 303 -13.21 2.55 -32.70
N GLU B 304 -12.70 1.49 -33.33
CA GLU B 304 -12.54 0.19 -32.69
C GLU B 304 -11.15 0.03 -32.09
N LYS B 305 -10.38 1.12 -32.03
CA LYS B 305 -9.03 1.10 -31.46
C LYS B 305 -8.89 2.15 -30.35
N PRO B 306 -9.60 1.98 -29.24
CA PRO B 306 -9.37 2.87 -28.10
C PRO B 306 -7.95 2.68 -27.58
N ARG B 307 -7.38 3.78 -27.06
CA ARG B 307 -6.04 3.74 -26.47
C ARG B 307 -6.00 4.60 -25.24
N LEU B 308 -5.25 4.15 -24.25
CA LEU B 308 -4.92 4.97 -23.08
C LEU B 308 -3.45 4.77 -22.77
N TRP B 309 -2.79 5.84 -22.29
CA TRP B 309 -1.36 5.81 -21.97
C TRP B 309 -0.53 5.63 -23.24
N HIS B 310 -1.12 5.92 -24.41
CA HIS B 310 -0.40 6.09 -25.66
C HIS B 310 0.35 7.43 -25.66
N THR B 311 1.11 7.66 -26.74
CA THR B 311 1.71 8.96 -26.99
C THR B 311 1.13 9.51 -28.29
N ALA B 312 1.21 10.82 -28.45
CA ALA B 312 0.83 11.50 -29.68
C ALA B 312 1.87 12.57 -30.00
N CYS B 313 2.31 12.61 -31.25
CA CYS B 313 3.23 13.64 -31.73
C CYS B 313 2.72 14.22 -33.03
N ALA B 314 2.83 15.53 -33.20
CA ALA B 314 2.49 16.14 -34.47
C ALA B 314 3.66 16.09 -35.44
N SER B 315 3.34 15.91 -36.71
CA SER B 315 4.32 16.01 -37.79
C SER B 315 4.21 17.37 -38.47
N ASP B 316 5.26 17.70 -39.20
CA ASP B 316 5.25 18.94 -39.99
C ASP B 316 4.28 18.85 -41.16
N GLU B 317 3.81 17.66 -41.51
CA GLU B 317 2.93 17.47 -42.66
C GLU B 317 1.45 17.42 -42.26
N GLY B 318 1.10 18.02 -41.12
CA GLY B 318 -0.29 18.06 -40.69
C GLY B 318 -0.90 16.74 -40.30
N GLU B 319 -0.17 15.93 -39.54
CA GLU B 319 -0.73 14.71 -39.00
C GLU B 319 -0.40 14.64 -37.52
N VAL B 320 -1.17 13.83 -36.80
CA VAL B 320 -0.85 13.44 -35.43
C VAL B 320 -0.58 11.94 -35.44
N ILE B 321 0.58 11.52 -34.94
CA ILE B 321 1.03 10.14 -34.92
C ILE B 321 0.85 9.62 -33.50
N VAL B 322 -0.05 8.68 -33.33
CA VAL B 322 -0.32 8.03 -32.05
C VAL B 322 0.38 6.69 -32.01
N PHE B 323 1.06 6.41 -30.90
CA PHE B 323 1.79 5.16 -30.81
C PHE B 323 1.59 4.51 -29.46
N GLY B 324 1.44 3.18 -29.46
CA GLY B 324 1.47 2.45 -28.21
C GLY B 324 0.22 2.63 -27.38
N GLY B 325 0.39 2.46 -26.04
CA GLY B 325 -0.76 2.50 -25.14
C GLY B 325 -1.50 1.18 -25.12
N CYS B 326 -2.55 1.18 -24.32
CA CYS B 326 -3.31 -0.01 -23.97
C CYS B 326 -4.72 0.10 -24.54
N ALA B 327 -5.20 -1.00 -25.12
CA ALA B 327 -6.53 -1.00 -25.75
C ALA B 327 -7.66 -1.22 -24.76
N ASN B 328 -7.40 -1.81 -23.62
CA ASN B 328 -8.47 -2.17 -22.71
C ASN B 328 -8.13 -1.65 -21.32
N ASN B 329 -8.88 -2.07 -20.29
CA ASN B 329 -8.64 -1.59 -18.92
C ASN B 329 -7.31 -2.11 -18.40
N LEU B 330 -6.29 -1.23 -18.40
CA LEU B 330 -4.93 -1.64 -18.02
C LEU B 330 -4.84 -2.00 -16.54
N LEU B 331 -5.85 -1.66 -15.73
CA LEU B 331 -5.82 -2.00 -14.32
C LEU B 331 -6.21 -3.46 -14.05
N VAL B 332 -6.74 -4.17 -15.05
CA VAL B 332 -6.87 -5.63 -14.95
C VAL B 332 -5.56 -6.16 -15.54
N HIS B 333 -4.56 -6.24 -14.67
CA HIS B 333 -3.18 -6.25 -15.14
C HIS B 333 -2.88 -7.43 -16.04
N HIS B 334 -3.37 -8.61 -15.69
CA HIS B 334 -3.00 -9.81 -16.42
C HIS B 334 -3.66 -9.89 -17.79
N ARG B 335 -4.65 -9.05 -18.05
CA ARG B 335 -5.35 -9.03 -19.35
C ARG B 335 -5.02 -7.77 -20.15
N ALA B 336 -4.21 -6.86 -19.61
CA ALA B 336 -3.93 -5.59 -20.28
C ALA B 336 -3.35 -5.88 -21.66
N ALA B 337 -3.90 -5.24 -22.68
CA ALA B 337 -3.52 -5.44 -24.09
C ALA B 337 -2.77 -4.22 -24.60
N HIS B 338 -1.49 -4.19 -24.34
CA HIS B 338 -0.65 -3.12 -24.86
C HIS B 338 -0.52 -3.22 -26.38
N SER B 339 -0.29 -2.09 -27.03
CA SER B 339 -0.21 -2.05 -28.49
C SER B 339 1.13 -1.51 -28.99
N ASN B 340 1.55 -1.94 -30.19
CA ASN B 340 2.61 -1.27 -30.93
C ASN B 340 2.10 -0.64 -32.22
N GLU B 341 0.80 -0.38 -32.31
CA GLU B 341 0.26 0.21 -33.54
C GLU B 341 0.51 1.70 -33.63
N ILE B 342 0.76 2.16 -34.83
CA ILE B 342 0.78 3.57 -35.21
C ILE B 342 -0.60 3.91 -35.78
N LEU B 343 -1.28 4.90 -35.21
CA LEU B 343 -2.54 5.44 -35.68
C LEU B 343 -2.25 6.85 -36.18
N ILE B 344 -2.55 7.11 -37.45
CA ILE B 344 -2.26 8.40 -38.07
C ILE B 344 -3.55 9.16 -38.25
N PHE B 345 -3.64 10.34 -37.64
CA PHE B 345 -4.81 11.20 -37.76
C PHE B 345 -4.46 12.35 -38.67
N SER B 346 -5.30 12.61 -39.65
CA SER B 346 -5.09 13.70 -40.59
C SER B 346 -5.82 14.90 -40.06
N VAL B 347 -5.08 15.85 -39.51
CA VAL B 347 -5.69 17.03 -38.92
C VAL B 347 -5.76 18.22 -39.89
N ASN C 8 0.14 -3.30 -9.21
CA ASN C 8 1.13 -2.87 -10.17
C ASN C 8 1.35 -1.36 -9.89
N ASP C 9 2.47 -1.03 -9.24
CA ASP C 9 2.71 0.36 -8.83
C ASP C 9 2.80 1.33 -10.00
N CYS C 10 3.26 0.87 -11.18
CA CYS C 10 3.47 1.81 -12.27
CA CYS C 10 3.45 1.79 -12.30
C CYS C 10 2.18 2.51 -12.67
N SER C 11 1.02 1.82 -12.61
CA SER C 11 -0.23 2.39 -13.08
C SER C 11 -1.06 3.06 -12.01
N CYS C 12 -0.63 3.01 -10.74
CA CYS C 12 -1.37 3.74 -9.72
C CYS C 12 -1.34 5.24 -9.95
N GLY C 13 -2.40 5.89 -9.53
CA GLY C 13 -2.47 7.33 -9.59
C GLY C 13 -2.98 7.88 -10.89
N GLY C 14 -3.23 7.02 -11.88
CA GLY C 14 -3.92 7.48 -13.08
C GLY C 14 -5.36 7.05 -13.16
N ASN D 8 -12.72 -5.44 36.19
CA ASN D 8 -12.58 -5.20 34.77
C ASN D 8 -12.62 -6.56 34.03
N ASP D 9 -13.76 -6.91 33.44
CA ASP D 9 -13.92 -8.23 32.81
C ASP D 9 -12.93 -8.44 31.68
N CYS D 10 -12.49 -7.35 31.00
CA CYS D 10 -11.67 -7.55 29.83
CA CYS D 10 -11.63 -7.51 29.83
C CYS D 10 -10.36 -8.25 30.16
N SER D 11 -9.78 -7.94 31.33
CA SER D 11 -8.47 -8.49 31.68
C SER D 11 -8.52 -9.76 32.49
N CYS D 12 -9.71 -10.26 32.84
CA CYS D 12 -9.79 -11.52 33.58
C CYS D 12 -9.28 -12.66 32.70
N GLY D 13 -8.71 -13.66 33.31
CA GLY D 13 -8.29 -14.85 32.63
C GLY D 13 -6.91 -14.82 32.05
N GLY D 14 -6.23 -13.67 32.15
CA GLY D 14 -4.82 -13.58 31.79
C GLY D 14 -3.88 -13.54 32.98
#